data_4AP9
#
_entry.id   4AP9
#
_cell.length_a   128.131
_cell.length_b   128.131
_cell.length_c   63.077
_cell.angle_alpha   90.00
_cell.angle_beta   90.00
_cell.angle_gamma   90.00
#
_symmetry.space_group_name_H-M   'P 4'
#
loop_
_entity.id
_entity.type
_entity.pdbx_description
1 polymer 'PHOSPHOSERINE PHOSPHATASE'
2 non-polymer 3-PYRIDINIUM-1-YLPROPANE-1-SULFONATE
3 water water
#
_entity_poly.entity_id   1
_entity_poly.type   'polypeptide(L)'
_entity_poly.pdbx_seq_one_letter_code
;GA(MSE)DPQF(MSE)KKVAVIDIEGTLTDFEFWRE(MSE)ARITGKREIEELLEKGLSGEVEWLDSLLKRVGLIRGIDE
GTFLRTREKVNVSPEARELVETLREKGFKVVLISGSFEEVLEPFKELGDEF(MSE)ANRAIFEDGKFQGIRLRFRDKGEF
LKRFRDGFILA(MSE)GDGYADAK(MSE)FERAD(MSE)GIAVGREIPGADLLVKDLKELVDFIKNLKP
;
_entity_poly.pdbx_strand_id   A,B,C,D
#
# COMPACT_ATOMS: atom_id res chain seq x y z
N GLY A 1 -14.92 -19.03 27.34
CA GLY A 1 -15.39 -18.94 25.96
C GLY A 1 -14.28 -19.20 24.96
N ALA A 2 -13.80 -20.42 24.91
CA ALA A 2 -12.63 -20.77 24.11
C ALA A 2 -13.00 -21.34 22.74
N ASP A 4 -15.59 -20.37 19.07
CA ASP A 4 -16.62 -19.76 18.24
C ASP A 4 -16.87 -20.70 17.07
N PRO A 5 -18.02 -21.38 17.06
CA PRO A 5 -18.30 -22.35 16.00
C PRO A 5 -18.80 -21.66 14.73
N GLN A 6 -17.96 -20.79 14.17
CA GLN A 6 -18.36 -19.90 13.08
C GLN A 6 -18.92 -20.64 11.87
N PHE A 7 -18.36 -21.80 11.58
CA PHE A 7 -18.77 -22.53 10.38
C PHE A 7 -20.24 -22.93 10.43
N LYS A 9 -22.77 -21.07 11.67
CA LYS A 9 -23.67 -19.93 11.81
C LYS A 9 -24.41 -19.56 10.53
N LYS A 10 -25.63 -19.06 10.68
CA LYS A 10 -26.34 -18.44 9.56
C LYS A 10 -25.51 -17.32 8.97
N VAL A 11 -25.62 -17.14 7.67
CA VAL A 11 -24.77 -16.22 6.94
C VAL A 11 -25.53 -14.96 6.59
N ALA A 12 -24.94 -13.83 6.93
CA ALA A 12 -25.47 -12.53 6.52
C ALA A 12 -24.60 -12.04 5.37
N VAL A 13 -25.14 -12.03 4.15
CA VAL A 13 -24.41 -11.55 2.97
C VAL A 13 -24.84 -10.12 2.71
N ILE A 14 -23.86 -9.23 2.62
CA ILE A 14 -24.13 -7.85 2.24
C ILE A 14 -23.48 -7.49 0.91
N ASP A 15 -24.30 -7.11 -0.08
CA ASP A 15 -23.79 -6.54 -1.32
C ASP A 15 -23.43 -5.10 -1.02
N ILE A 16 -22.15 -4.78 -1.07
CA ILE A 16 -21.60 -3.52 -0.56
C ILE A 16 -22.21 -2.27 -1.18
N GLU A 17 -22.28 -2.23 -2.49
CA GLU A 17 -22.72 -1.01 -3.17
C GLU A 17 -24.19 -0.71 -2.92
N GLY A 18 -24.49 0.48 -2.45
CA GLY A 18 -25.87 0.88 -2.20
C GLY A 18 -26.40 0.40 -0.87
N THR A 19 -25.57 -0.29 -0.10
CA THR A 19 -25.92 -0.63 1.27
C THR A 19 -24.95 0.03 2.23
N LEU A 20 -23.65 -0.28 2.08
CA LEU A 20 -22.63 0.25 2.97
C LEU A 20 -21.96 1.52 2.43
N THR A 21 -21.97 1.69 1.12
CA THR A 21 -21.35 2.86 0.50
C THR A 21 -22.18 3.37 -0.68
N ASP A 22 -22.19 4.67 -0.91
CA ASP A 22 -22.81 5.15 -2.13
C ASP A 22 -21.79 5.42 -3.23
N PHE A 23 -20.54 4.99 -3.02
CA PHE A 23 -19.53 5.07 -4.08
C PHE A 23 -19.83 4.11 -5.23
N GLU A 24 -19.78 4.63 -6.44
CA GLU A 24 -20.04 3.84 -7.64
C GLU A 24 -18.88 3.97 -8.61
N PHE A 25 -17.98 2.99 -8.59
CA PHE A 25 -16.75 3.04 -9.40
C PHE A 25 -16.95 3.45 -10.86
N TRP A 26 -17.96 2.90 -11.54
CA TRP A 26 -18.12 3.23 -12.96
C TRP A 26 -18.60 4.67 -13.21
N ARG A 27 -19.43 5.20 -12.32
CA ARG A 27 -19.85 6.59 -12.40
C ARG A 27 -18.64 7.50 -12.14
N GLU A 28 -17.78 7.08 -11.22
CA GLU A 28 -16.54 7.83 -10.99
C GLU A 28 -15.60 7.76 -12.20
N ALA A 30 -16.53 7.47 -15.24
CA ALA A 30 -17.12 8.29 -16.28
C ALA A 30 -16.77 9.76 -16.03
N ARG A 31 -16.74 10.14 -14.75
CA ARG A 31 -16.46 11.53 -14.36
C ARG A 31 -14.99 11.87 -14.64
N ILE A 32 -14.11 10.98 -14.24
CA ILE A 32 -12.67 11.19 -14.38
C ILE A 32 -12.24 11.19 -15.85
N THR A 33 -12.73 10.23 -16.64
CA THR A 33 -12.34 10.11 -18.04
C THR A 33 -13.14 11.06 -18.94
N GLY A 34 -14.30 11.48 -18.46
CA GLY A 34 -15.19 12.27 -19.28
C GLY A 34 -15.93 11.45 -20.33
N LYS A 35 -15.71 10.13 -20.31
CA LYS A 35 -16.39 9.25 -21.26
C LYS A 35 -17.80 8.95 -20.76
N ARG A 36 -18.77 9.70 -21.25
CA ARG A 36 -20.17 9.48 -20.89
C ARG A 36 -20.67 8.06 -21.20
N GLU A 37 -20.13 7.48 -22.28
CA GLU A 37 -20.48 6.12 -22.69
C GLU A 37 -20.35 5.12 -21.53
N ILE A 38 -19.40 5.35 -20.62
CA ILE A 38 -19.22 4.42 -19.50
C ILE A 38 -20.46 4.37 -18.61
N GLU A 39 -20.99 5.54 -18.30
CA GLU A 39 -22.14 5.63 -17.41
C GLU A 39 -23.41 5.17 -18.14
N GLU A 40 -23.47 5.44 -19.43
CA GLU A 40 -24.60 5.00 -20.24
C GLU A 40 -24.65 3.48 -20.28
N LEU A 41 -23.49 2.86 -20.47
CA LEU A 41 -23.39 1.40 -20.43
C LEU A 41 -23.81 0.84 -19.08
N LEU A 42 -23.44 1.54 -18.00
CA LEU A 42 -23.89 1.14 -16.68
C LEU A 42 -25.41 1.18 -16.61
N GLU A 43 -26.01 2.28 -17.06
CA GLU A 43 -27.46 2.44 -16.98
C GLU A 43 -28.15 1.36 -17.79
N LYS A 44 -27.60 1.05 -18.97
CA LYS A 44 -28.16 0.01 -19.82
C LYS A 44 -28.07 -1.35 -19.12
N GLY A 45 -26.95 -1.59 -18.45
CA GLY A 45 -26.78 -2.83 -17.71
C GLY A 45 -27.77 -2.96 -16.56
N LEU A 46 -27.90 -1.90 -15.78
CA LEU A 46 -28.73 -1.89 -14.59
C LEU A 46 -30.20 -2.05 -14.92
N SER A 47 -30.59 -1.55 -16.09
CA SER A 47 -31.99 -1.57 -16.49
C SER A 47 -32.31 -2.84 -17.27
N GLY A 48 -31.26 -3.58 -17.63
CA GLY A 48 -31.43 -4.82 -18.37
C GLY A 48 -31.65 -4.63 -19.86
N GLU A 49 -31.40 -3.42 -20.35
CA GLU A 49 -31.48 -3.14 -21.77
C GLU A 49 -30.40 -3.86 -22.56
N VAL A 50 -29.31 -4.20 -21.89
CA VAL A 50 -28.26 -5.01 -22.49
C VAL A 50 -27.86 -6.05 -21.45
N GLU A 51 -27.31 -7.17 -21.92
CA GLU A 51 -26.88 -8.22 -20.99
C GLU A 51 -25.80 -7.70 -20.03
N TRP A 52 -25.81 -8.16 -18.79
CA TRP A 52 -24.93 -7.57 -17.79
C TRP A 52 -23.45 -7.73 -18.14
N LEU A 53 -23.04 -8.94 -18.51
CA LEU A 53 -21.64 -9.18 -18.80
C LEU A 53 -21.21 -8.40 -20.03
N ASP A 54 -22.08 -8.33 -21.03
CA ASP A 54 -21.81 -7.54 -22.23
C ASP A 54 -21.49 -6.10 -21.83
N SER A 55 -22.35 -5.51 -21.01
CA SER A 55 -22.17 -4.14 -20.57
C SER A 55 -20.90 -3.97 -19.72
N LEU A 56 -20.66 -4.90 -18.82
CA LEU A 56 -19.49 -4.84 -17.95
C LEU A 56 -18.20 -4.85 -18.75
N LEU A 57 -18.09 -5.77 -19.70
CA LEU A 57 -16.84 -5.88 -20.45
C LEU A 57 -16.63 -4.69 -21.37
N LYS A 58 -17.73 -4.10 -21.84
CA LYS A 58 -17.61 -2.86 -22.63
C LYS A 58 -17.09 -1.69 -21.78
N ARG A 59 -17.54 -1.61 -20.55
CA ARG A 59 -17.04 -0.61 -19.61
C ARG A 59 -15.55 -0.86 -19.33
N VAL A 60 -15.20 -2.12 -19.11
CA VAL A 60 -13.81 -2.48 -18.83
C VAL A 60 -12.90 -2.04 -19.99
N GLY A 61 -13.39 -2.27 -21.20
CA GLY A 61 -12.68 -1.90 -22.41
C GLY A 61 -12.41 -0.41 -22.49
N LEU A 62 -13.39 0.38 -22.05
CA LEU A 62 -13.28 1.83 -22.13
C LEU A 62 -12.30 2.44 -21.12
N ILE A 63 -11.85 1.67 -20.14
CA ILE A 63 -10.80 2.18 -19.26
C ILE A 63 -9.46 1.47 -19.42
N ARG A 64 -9.34 0.67 -20.48
CA ARG A 64 -8.05 0.04 -20.77
C ARG A 64 -6.98 1.13 -20.79
N GLY A 65 -5.86 0.87 -20.13
CA GLY A 65 -4.74 1.80 -20.15
C GLY A 65 -4.68 2.79 -19.01
N ILE A 66 -5.78 2.95 -18.28
CA ILE A 66 -5.81 3.95 -17.23
C ILE A 66 -4.76 3.60 -16.17
N ASP A 67 -4.07 4.61 -15.65
CA ASP A 67 -2.98 4.34 -14.71
C ASP A 67 -3.47 3.72 -13.41
N GLU A 68 -2.68 2.82 -12.84
CA GLU A 68 -3.01 2.23 -11.54
C GLU A 68 -3.24 3.31 -10.45
N GLY A 69 -2.48 4.40 -10.50
CA GLY A 69 -2.65 5.45 -9.51
C GLY A 69 -4.01 6.12 -9.58
N THR A 70 -4.47 6.37 -10.80
CA THR A 70 -5.79 6.98 -11.02
C THR A 70 -6.87 6.04 -10.51
N PHE A 71 -6.66 4.75 -10.79
CA PHE A 71 -7.57 3.69 -10.40
C PHE A 71 -7.66 3.64 -8.87
N LEU A 72 -6.50 3.57 -8.22
CA LEU A 72 -6.44 3.47 -6.77
C LEU A 72 -6.85 4.74 -6.02
N ARG A 73 -6.71 5.89 -6.66
CA ARG A 73 -7.17 7.15 -6.07
C ARG A 73 -8.63 7.08 -5.61
N THR A 74 -9.44 6.28 -6.29
CA THR A 74 -10.86 6.19 -5.98
C THR A 74 -11.15 5.62 -4.60
N ARG A 75 -10.23 4.82 -4.06
CA ARG A 75 -10.47 4.25 -2.74
C ARG A 75 -10.59 5.34 -1.68
N GLU A 76 -10.09 6.54 -2.00
CA GLU A 76 -10.28 7.69 -1.14
C GLU A 76 -11.76 8.07 -0.98
N LYS A 77 -12.60 7.65 -1.92
CA LYS A 77 -14.02 7.93 -1.86
C LYS A 77 -14.80 6.79 -1.19
N VAL A 78 -14.07 5.79 -0.74
CA VAL A 78 -14.68 4.63 -0.09
C VAL A 78 -14.29 4.64 1.37
N ASN A 79 -15.27 4.75 2.26
CA ASN A 79 -14.98 4.81 3.68
C ASN A 79 -15.97 3.97 4.48
N VAL A 80 -15.50 3.29 5.52
CA VAL A 80 -16.38 2.56 6.44
C VAL A 80 -17.01 3.54 7.41
N SER A 81 -18.29 3.84 7.20
CA SER A 81 -19.01 4.79 8.06
C SER A 81 -19.34 4.15 9.41
N PRO A 82 -19.63 5.00 10.41
CA PRO A 82 -20.04 4.48 11.70
C PRO A 82 -21.25 3.55 11.57
N GLU A 83 -22.21 3.94 10.73
CA GLU A 83 -23.40 3.12 10.49
C GLU A 83 -23.05 1.77 9.85
N ALA A 84 -22.18 1.78 8.83
CA ALA A 84 -21.80 0.53 8.17
C ALA A 84 -21.11 -0.37 9.18
N ARG A 85 -20.29 0.22 10.02
CA ARG A 85 -19.60 -0.58 11.02
C ARG A 85 -20.59 -1.14 12.05
N GLU A 86 -21.59 -0.33 12.41
CA GLU A 86 -22.58 -0.78 13.38
C GLU A 86 -23.39 -1.94 12.80
N LEU A 87 -23.74 -1.86 11.52
CA LEU A 87 -24.49 -2.95 10.90
C LEU A 87 -23.74 -4.26 11.10
N VAL A 88 -22.48 -4.27 10.69
CA VAL A 88 -21.70 -5.49 10.72
C VAL A 88 -21.47 -6.00 12.14
N GLU A 89 -21.18 -5.10 13.07
CA GLU A 89 -20.98 -5.53 14.46
C GLU A 89 -22.26 -6.08 15.09
N THR A 90 -23.40 -5.48 14.74
CA THR A 90 -24.68 -5.92 15.27
C THR A 90 -25.09 -7.28 14.70
N LEU A 91 -24.92 -7.44 13.39
CA LEU A 91 -25.09 -8.75 12.77
C LEU A 91 -24.34 -9.85 13.52
N ARG A 92 -23.07 -9.61 13.86
CA ARG A 92 -22.34 -10.59 14.65
C ARG A 92 -22.97 -10.85 16.02
N GLU A 93 -23.37 -9.78 16.71
CA GLU A 93 -24.05 -9.92 18.00
C GLU A 93 -25.28 -10.81 17.85
N LYS A 94 -25.98 -10.64 16.72
CA LYS A 94 -27.22 -11.36 16.48
C LYS A 94 -26.97 -12.77 15.98
N GLY A 95 -25.70 -13.17 15.91
CA GLY A 95 -25.34 -14.55 15.65
C GLY A 95 -25.10 -14.91 14.20
N PHE A 96 -24.82 -13.91 13.36
CA PHE A 96 -24.53 -14.15 11.96
C PHE A 96 -23.04 -14.18 11.72
N LYS A 97 -22.62 -14.99 10.75
CA LYS A 97 -21.32 -14.79 10.11
C LYS A 97 -21.57 -13.80 8.97
N VAL A 98 -20.71 -12.79 8.85
CA VAL A 98 -20.92 -11.70 7.88
C VAL A 98 -20.02 -11.80 6.64
N VAL A 99 -20.64 -11.82 5.46
CA VAL A 99 -19.90 -11.95 4.21
C VAL A 99 -20.20 -10.73 3.37
N LEU A 100 -19.15 -10.01 3.01
CA LEU A 100 -19.32 -8.81 2.20
C LEU A 100 -18.95 -9.14 0.77
N ILE A 101 -19.81 -8.79 -0.18
CA ILE A 101 -19.52 -9.09 -1.56
C ILE A 101 -19.71 -7.87 -2.44
N SER A 102 -19.05 -7.88 -3.59
CA SER A 102 -19.30 -6.86 -4.61
C SER A 102 -18.84 -7.37 -5.97
N GLY A 103 -19.46 -6.88 -7.03
CA GLY A 103 -18.99 -7.14 -8.38
C GLY A 103 -17.95 -6.13 -8.84
N SER A 104 -17.67 -5.15 -7.99
CA SER A 104 -16.63 -4.17 -8.26
C SER A 104 -15.29 -4.69 -7.73
N PHE A 105 -14.27 -3.84 -7.82
CA PHE A 105 -12.89 -4.23 -7.54
C PHE A 105 -12.45 -4.26 -6.08
N GLU A 106 -11.85 -5.37 -5.65
CA GLU A 106 -11.33 -5.49 -4.29
C GLU A 106 -10.35 -4.37 -3.97
N GLU A 107 -9.62 -3.93 -4.99
CA GLU A 107 -8.55 -2.95 -4.82
C GLU A 107 -9.13 -1.60 -4.40
N VAL A 108 -10.29 -1.28 -4.97
CA VAL A 108 -11.00 -0.06 -4.63
C VAL A 108 -11.83 -0.19 -3.33
N LEU A 109 -12.33 -1.39 -3.07
CA LEU A 109 -13.19 -1.60 -1.89
C LEU A 109 -12.35 -2.09 -0.70
N GLU A 110 -11.05 -1.89 -0.80
CA GLU A 110 -10.12 -2.28 0.24
C GLU A 110 -10.52 -1.88 1.67
N PRO A 111 -11.13 -0.68 1.84
CA PRO A 111 -11.51 -0.34 3.21
C PRO A 111 -12.45 -1.36 3.90
N PHE A 112 -13.19 -2.13 3.11
CA PHE A 112 -14.13 -3.11 3.64
C PHE A 112 -13.53 -4.50 3.79
N LYS A 113 -12.26 -4.65 3.40
CA LYS A 113 -11.63 -5.96 3.25
C LYS A 113 -11.65 -6.78 4.55
N GLU A 114 -11.51 -6.12 5.69
CA GLU A 114 -11.43 -6.82 6.96
C GLU A 114 -12.62 -6.57 7.87
N LEU A 115 -13.63 -5.91 7.33
CA LEU A 115 -14.78 -5.52 8.15
C LEU A 115 -15.64 -6.74 8.49
N GLY A 116 -15.90 -7.56 7.48
CA GLY A 116 -16.69 -8.76 7.66
C GLY A 116 -15.85 -9.96 8.04
N ASP A 117 -16.50 -11.11 8.13
CA ASP A 117 -15.82 -12.38 8.38
C ASP A 117 -15.22 -12.94 7.10
N GLU A 118 -15.90 -12.72 5.98
CA GLU A 118 -15.35 -13.04 4.66
C GLU A 118 -15.60 -11.87 3.70
N PHE A 119 -14.74 -11.75 2.70
CA PHE A 119 -14.85 -10.66 1.74
C PHE A 119 -14.60 -11.22 0.35
N ALA A 121 -14.76 -9.89 -3.93
CA ALA A 121 -15.12 -9.07 -5.08
C ALA A 121 -14.23 -9.46 -6.27
N ASN A 122 -14.44 -8.78 -7.39
CA ASN A 122 -13.62 -9.04 -8.56
C ASN A 122 -12.25 -8.36 -8.40
N ARG A 123 -11.33 -8.58 -9.32
CA ARG A 123 -10.01 -7.97 -9.17
C ARG A 123 -9.59 -7.34 -10.48
N ALA A 124 -8.56 -6.50 -10.42
CA ALA A 124 -8.09 -5.80 -11.61
C ALA A 124 -6.77 -6.38 -12.14
N ILE A 125 -6.56 -6.24 -13.45
CA ILE A 125 -5.34 -6.70 -14.08
C ILE A 125 -4.53 -5.48 -14.47
N PHE A 126 -3.32 -5.36 -13.91
CA PHE A 126 -2.42 -4.28 -14.27
C PHE A 126 -1.18 -4.84 -14.92
N GLU A 127 -0.76 -4.21 -16.01
CA GLU A 127 0.50 -4.56 -16.67
C GLU A 127 1.29 -3.28 -16.83
N ASP A 128 2.48 -3.24 -16.24
CA ASP A 128 3.31 -2.04 -16.26
C ASP A 128 2.53 -0.83 -15.78
N GLY A 129 1.76 -1.04 -14.72
CA GLY A 129 1.06 0.04 -14.03
C GLY A 129 -0.17 0.55 -14.74
N LYS A 130 -0.56 -0.10 -15.82
CA LYS A 130 -1.73 0.33 -16.59
C LYS A 130 -2.83 -0.74 -16.62
N PHE A 131 -4.07 -0.30 -16.48
CA PHE A 131 -5.20 -1.22 -16.38
C PHE A 131 -5.39 -2.00 -17.68
N GLN A 132 -5.40 -3.32 -17.57
CA GLN A 132 -5.60 -4.16 -18.75
C GLN A 132 -6.96 -4.85 -18.84
N GLY A 133 -7.58 -5.16 -17.70
CA GLY A 133 -8.84 -5.85 -17.71
C GLY A 133 -9.30 -6.31 -16.34
N ILE A 134 -10.34 -7.15 -16.32
CA ILE A 134 -10.95 -7.61 -15.08
C ILE A 134 -10.74 -9.10 -14.85
N ARG A 135 -10.50 -9.49 -13.61
CA ARG A 135 -10.52 -10.89 -13.22
C ARG A 135 -11.90 -11.14 -12.65
N LEU A 136 -12.71 -11.92 -13.35
CA LEU A 136 -14.05 -12.27 -12.89
C LEU A 136 -13.96 -13.46 -11.96
N ARG A 137 -14.23 -13.23 -10.68
CA ARG A 137 -13.91 -14.24 -9.67
C ARG A 137 -15.11 -15.06 -9.24
N PHE A 138 -16.28 -14.66 -9.74
CA PHE A 138 -17.50 -15.43 -9.58
C PHE A 138 -18.43 -15.09 -10.76
N ARG A 139 -19.32 -16.00 -11.13
CA ARG A 139 -20.14 -15.81 -12.33
C ARG A 139 -21.09 -14.64 -12.14
N ASP A 140 -21.77 -14.66 -11.00
CA ASP A 140 -22.69 -13.60 -10.58
C ASP A 140 -22.97 -13.81 -9.08
N LYS A 141 -23.66 -12.88 -8.45
CA LYS A 141 -23.83 -12.95 -6.99
C LYS A 141 -24.66 -14.13 -6.52
N GLY A 142 -25.66 -14.53 -7.31
CA GLY A 142 -26.40 -15.73 -6.98
C GLY A 142 -25.50 -16.96 -7.00
N GLU A 143 -24.66 -17.06 -8.03
CA GLU A 143 -23.78 -18.22 -8.12
C GLU A 143 -22.83 -18.24 -6.94
N PHE A 144 -22.35 -17.05 -6.56
CA PHE A 144 -21.43 -16.97 -5.42
C PHE A 144 -22.07 -17.50 -4.14
N LEU A 145 -23.34 -17.21 -3.94
CA LEU A 145 -24.05 -17.65 -2.73
C LEU A 145 -24.12 -19.17 -2.55
N LYS A 146 -23.94 -19.91 -3.64
CA LYS A 146 -23.88 -21.38 -3.57
C LYS A 146 -22.78 -21.86 -2.62
N ARG A 147 -21.82 -20.97 -2.36
CA ARG A 147 -20.75 -21.24 -1.40
C ARG A 147 -21.29 -21.54 0.00
N PHE A 148 -22.46 -20.99 0.29
CA PHE A 148 -23.08 -21.11 1.60
C PHE A 148 -24.38 -21.91 1.53
N ARG A 149 -24.45 -22.86 0.60
CA ARG A 149 -25.67 -23.61 0.36
C ARG A 149 -26.03 -24.56 1.50
N ASP A 150 -25.05 -24.90 2.35
CA ASP A 150 -25.31 -25.86 3.41
C ASP A 150 -25.98 -25.26 4.65
N GLY A 151 -26.13 -23.94 4.66
CA GLY A 151 -26.84 -23.31 5.75
C GLY A 151 -27.84 -22.29 5.27
N PHE A 152 -28.31 -21.46 6.20
CA PHE A 152 -29.29 -20.42 5.90
C PHE A 152 -28.64 -19.08 5.58
N ILE A 153 -29.32 -18.26 4.78
CA ILE A 153 -28.74 -16.99 4.36
C ILE A 153 -29.70 -15.83 4.47
N LEU A 154 -29.25 -14.76 5.11
CA LEU A 154 -29.95 -13.49 5.04
C LEU A 154 -29.14 -12.61 4.08
N ALA A 155 -29.77 -12.11 3.03
CA ALA A 155 -29.07 -11.28 2.06
C ALA A 155 -29.59 -9.86 2.15
N GLY A 157 -28.99 -6.07 0.11
CA GLY A 157 -28.36 -5.48 -1.06
C GLY A 157 -29.17 -4.34 -1.64
N ASP A 158 -28.61 -3.69 -2.66
CA ASP A 158 -29.24 -2.56 -3.33
C ASP A 158 -28.94 -2.67 -4.82
N GLY A 159 -29.00 -1.53 -5.48
CA GLY A 159 -29.09 -1.46 -6.91
C GLY A 159 -28.23 -2.38 -7.76
N TYR A 160 -27.09 -2.81 -7.25
CA TYR A 160 -26.25 -3.77 -7.98
C TYR A 160 -26.58 -5.25 -7.78
N ALA A 161 -27.63 -5.53 -7.01
CA ALA A 161 -28.10 -6.90 -6.84
C ALA A 161 -29.27 -7.17 -7.79
N ASP A 162 -29.75 -8.42 -7.83
CA ASP A 162 -30.91 -8.77 -8.65
C ASP A 162 -31.62 -9.98 -8.09
N ALA A 163 -32.59 -10.50 -8.86
CA ALA A 163 -33.40 -11.60 -8.37
C ALA A 163 -32.56 -12.85 -8.16
N LYS A 164 -31.53 -13.01 -8.98
CA LYS A 164 -30.68 -14.20 -8.89
C LYS A 164 -30.06 -14.32 -7.50
N PHE A 166 -31.10 -12.79 -4.65
CA PHE A 166 -32.10 -12.91 -3.59
C PHE A 166 -32.82 -14.26 -3.61
N GLU A 167 -32.92 -14.88 -4.79
CA GLU A 167 -33.52 -16.21 -4.88
C GLU A 167 -32.76 -17.21 -4.02
N ARG A 168 -31.47 -16.96 -3.85
CA ARG A 168 -30.61 -17.83 -3.08
C ARG A 168 -30.80 -17.65 -1.57
N ALA A 169 -31.32 -16.48 -1.18
CA ALA A 169 -31.41 -16.12 0.23
C ALA A 169 -32.68 -16.67 0.88
N ASP A 170 -32.59 -17.04 2.15
CA ASP A 170 -33.79 -17.45 2.89
C ASP A 170 -34.65 -16.28 3.29
N GLY A 172 -34.46 -11.89 2.27
CA GLY A 172 -33.72 -10.87 1.55
C GLY A 172 -34.24 -9.49 1.86
N ILE A 173 -33.33 -8.53 2.02
CA ILE A 173 -33.71 -7.16 2.32
C ILE A 173 -33.06 -6.24 1.30
N ALA A 174 -33.89 -5.45 0.63
CA ALA A 174 -33.40 -4.41 -0.28
C ALA A 174 -33.32 -3.07 0.42
N VAL A 175 -32.36 -2.25 0.01
CA VAL A 175 -32.20 -0.93 0.59
C VAL A 175 -32.37 0.21 -0.43
N GLY A 176 -33.34 1.08 -0.20
CA GLY A 176 -33.55 2.22 -1.08
C GLY A 176 -34.28 2.16 -2.42
N ARG A 177 -34.47 0.95 -2.94
CA ARG A 177 -35.19 0.78 -4.21
C ARG A 177 -35.50 -0.71 -4.17
N GLU A 178 -36.73 -1.05 -4.53
CA GLU A 178 -37.20 -2.44 -4.53
C GLU A 178 -36.36 -3.28 -5.48
N ILE A 179 -36.04 -4.49 -5.07
CA ILE A 179 -35.33 -5.42 -5.93
C ILE A 179 -36.13 -6.72 -6.01
N PRO A 180 -36.39 -7.20 -7.23
CA PRO A 180 -37.17 -8.43 -7.39
C PRO A 180 -36.57 -9.57 -6.58
N GLY A 181 -37.40 -10.27 -5.80
CA GLY A 181 -36.90 -11.38 -5.00
C GLY A 181 -36.63 -11.03 -3.54
N ALA A 182 -36.45 -9.75 -3.22
CA ALA A 182 -36.26 -9.36 -1.84
C ALA A 182 -37.59 -9.45 -1.09
N ASP A 183 -37.56 -9.91 0.15
CA ASP A 183 -38.77 -9.97 0.99
C ASP A 183 -39.17 -8.61 1.54
N LEU A 184 -38.16 -7.83 1.90
CA LEU A 184 -38.35 -6.56 2.60
C LEU A 184 -37.64 -5.43 1.87
N LEU A 185 -38.15 -4.22 2.05
CA LEU A 185 -37.48 -3.02 1.56
C LEU A 185 -37.33 -2.04 2.72
N VAL A 186 -36.11 -1.66 3.05
CA VAL A 186 -35.87 -0.63 4.05
C VAL A 186 -35.41 0.66 3.38
N LYS A 187 -35.66 1.80 4.03
CA LYS A 187 -35.45 3.10 3.40
C LYS A 187 -33.99 3.44 3.12
N ASP A 188 -33.11 3.05 4.04
CA ASP A 188 -31.71 3.42 3.96
C ASP A 188 -30.94 2.61 4.99
N LEU A 189 -29.63 2.81 5.07
CA LEU A 189 -28.80 1.97 5.92
C LEU A 189 -29.21 2.11 7.38
N LYS A 190 -29.66 3.30 7.76
CA LYS A 190 -30.07 3.54 9.14
C LYS A 190 -31.23 2.62 9.51
N GLU A 191 -32.23 2.57 8.63
CA GLU A 191 -33.38 1.69 8.84
C GLU A 191 -32.94 0.23 8.90
N LEU A 192 -31.94 -0.13 8.08
CA LEU A 192 -31.45 -1.52 8.08
C LEU A 192 -30.80 -1.85 9.40
N VAL A 193 -29.97 -0.94 9.90
CA VAL A 193 -29.34 -1.14 11.20
C VAL A 193 -30.41 -1.32 12.28
N ASP A 194 -31.44 -0.49 12.25
CA ASP A 194 -32.53 -0.57 13.22
C ASP A 194 -33.24 -1.90 13.15
N PHE A 195 -33.45 -2.39 11.93
CA PHE A 195 -34.07 -3.69 11.75
C PHE A 195 -33.22 -4.81 12.37
N ILE A 196 -31.93 -4.81 12.06
CA ILE A 196 -31.07 -5.85 12.61
C ILE A 196 -30.98 -5.74 14.12
N LYS A 197 -31.03 -4.52 14.64
CA LYS A 197 -30.96 -4.32 16.09
C LYS A 197 -32.19 -4.93 16.78
N ASN A 198 -33.29 -5.01 16.04
CA ASN A 198 -34.51 -5.62 16.56
C ASN A 198 -34.52 -7.15 16.59
N LEU A 199 -33.48 -7.79 16.03
CA LEU A 199 -33.46 -9.25 15.98
C LEU A 199 -33.23 -9.93 17.34
N LYS A 200 -33.87 -11.10 17.46
CA LYS A 200 -33.80 -11.99 18.63
C LYS A 200 -34.56 -11.44 19.82
N GLY B 1 -13.54 -5.96 -23.91
CA GLY B 1 -12.69 -5.79 -22.75
C GLY B 1 -12.02 -7.09 -22.32
N ALA B 2 -10.76 -6.99 -21.90
CA ALA B 2 -9.98 -8.16 -21.47
C ALA B 2 -10.51 -8.76 -20.16
N ASP B 4 -9.82 -12.25 -17.24
CA ASP B 4 -9.28 -13.47 -16.69
C ASP B 4 -10.50 -14.15 -16.07
N PRO B 5 -11.02 -15.20 -16.72
CA PRO B 5 -12.24 -15.89 -16.26
C PRO B 5 -11.90 -16.82 -15.10
N GLN B 6 -11.40 -16.24 -14.02
CA GLN B 6 -10.88 -17.01 -12.89
C GLN B 6 -11.93 -17.98 -12.35
N PHE B 7 -13.19 -17.57 -12.33
CA PHE B 7 -14.21 -18.42 -11.74
C PHE B 7 -14.36 -19.75 -12.47
N LYS B 9 -11.83 -21.64 -13.69
CA LYS B 9 -10.58 -22.39 -13.66
C LYS B 9 -10.58 -23.59 -12.71
N LYS B 10 -9.91 -24.66 -13.12
CA LYS B 10 -9.65 -25.77 -12.20
C LYS B 10 -8.96 -25.21 -10.97
N VAL B 11 -9.24 -25.79 -9.81
CA VAL B 11 -8.75 -25.22 -8.55
C VAL B 11 -7.62 -26.06 -8.00
N ALA B 12 -6.55 -25.39 -7.58
CA ALA B 12 -5.47 -26.06 -6.87
C ALA B 12 -5.56 -25.69 -5.40
N VAL B 13 -5.87 -26.66 -4.55
CA VAL B 13 -5.95 -26.39 -3.10
C VAL B 13 -4.67 -26.88 -2.47
N ILE B 14 -4.03 -26.02 -1.70
CA ILE B 14 -2.82 -26.40 -0.99
C ILE B 14 -3.04 -26.31 0.51
N ASP B 15 -2.89 -27.44 1.20
CA ASP B 15 -2.87 -27.43 2.64
C ASP B 15 -1.47 -26.98 3.04
N ILE B 16 -1.38 -25.82 3.69
CA ILE B 16 -0.12 -25.11 3.88
C ILE B 16 0.92 -25.88 4.67
N GLU B 17 0.49 -26.45 5.79
CA GLU B 17 1.44 -27.07 6.72
C GLU B 17 2.01 -28.35 6.13
N GLY B 18 3.33 -28.44 6.05
CA GLY B 18 3.97 -29.63 5.51
C GLY B 18 4.06 -29.65 4.00
N THR B 19 3.52 -28.62 3.35
CA THR B 19 3.76 -28.46 1.93
C THR B 19 4.57 -27.18 1.69
N LEU B 20 4.02 -26.04 2.10
CA LEU B 20 4.69 -24.76 1.90
C LEU B 20 5.62 -24.37 3.04
N THR B 21 5.36 -24.88 4.24
CA THR B 21 6.18 -24.53 5.41
C THR B 21 6.32 -25.71 6.35
N ASP B 22 7.43 -25.81 7.08
CA ASP B 22 7.48 -26.79 8.16
C ASP B 22 7.24 -26.18 9.53
N PHE B 23 6.80 -24.93 9.58
CA PHE B 23 6.47 -24.34 10.86
C PHE B 23 5.23 -25.00 11.41
N GLU B 24 5.30 -25.43 12.66
CA GLU B 24 4.17 -26.12 13.28
C GLU B 24 3.77 -25.43 14.57
N PHE B 25 2.66 -24.69 14.51
CA PHE B 25 2.26 -23.81 15.60
C PHE B 25 2.21 -24.52 16.95
N TRP B 26 1.63 -25.72 17.00
CA TRP B 26 1.44 -26.39 18.27
C TRP B 26 2.75 -26.90 18.87
N ARG B 27 3.71 -27.25 18.00
CA ARG B 27 5.05 -27.64 18.47
C ARG B 27 5.80 -26.40 19.00
N GLU B 28 5.62 -25.27 18.33
CA GLU B 28 6.17 -24.01 18.81
C GLU B 28 5.56 -23.65 20.17
N ALA B 30 4.26 -25.76 22.37
CA ALA B 30 4.90 -26.68 23.31
C ALA B 30 6.27 -26.17 23.74
N ARG B 31 7.04 -25.69 22.77
CA ARG B 31 8.39 -25.20 23.05
C ARG B 31 8.35 -23.97 23.94
N ILE B 32 7.54 -22.98 23.54
CA ILE B 32 7.38 -21.73 24.29
C ILE B 32 6.91 -21.95 25.73
N THR B 33 5.86 -22.73 25.91
CA THR B 33 5.23 -22.87 27.21
C THR B 33 5.92 -23.92 28.08
N GLY B 34 6.68 -24.80 27.45
CA GLY B 34 7.28 -25.93 28.13
C GLY B 34 6.29 -27.06 28.41
N LYS B 35 5.05 -26.90 27.94
CA LYS B 35 4.02 -27.90 28.20
C LYS B 35 4.07 -29.00 27.14
N ARG B 36 4.67 -30.13 27.50
CA ARG B 36 4.83 -31.24 26.59
C ARG B 36 3.50 -31.89 26.26
N GLU B 37 2.51 -31.74 27.15
CA GLU B 37 1.20 -32.28 26.90
C GLU B 37 0.68 -31.74 25.55
N ILE B 38 1.02 -30.51 25.24
CA ILE B 38 0.56 -29.91 23.98
C ILE B 38 0.97 -30.76 22.78
N GLU B 39 2.23 -31.17 22.77
CA GLU B 39 2.76 -31.90 21.64
C GLU B 39 2.26 -33.32 21.67
N GLU B 40 2.08 -33.86 22.87
CA GLU B 40 1.55 -35.22 22.98
C GLU B 40 0.12 -35.28 22.43
N LEU B 41 -0.69 -34.28 22.76
CA LEU B 41 -2.06 -34.20 22.24
C LEU B 41 -2.05 -34.08 20.72
N LEU B 42 -1.08 -33.34 20.21
CA LEU B 42 -0.92 -33.21 18.78
C LEU B 42 -0.66 -34.58 18.15
N GLU B 43 0.26 -35.35 18.73
CA GLU B 43 0.59 -36.67 18.20
C GLU B 43 -0.62 -37.60 18.27
N LYS B 44 -1.34 -37.54 19.38
CA LYS B 44 -2.54 -38.37 19.53
C LYS B 44 -3.55 -38.01 18.45
N GLY B 45 -3.64 -36.72 18.13
CA GLY B 45 -4.56 -36.29 17.10
C GLY B 45 -4.14 -36.76 15.72
N LEU B 46 -2.86 -36.60 15.40
CA LEU B 46 -2.39 -36.93 14.06
C LEU B 46 -2.49 -38.42 13.79
N SER B 47 -2.29 -39.21 14.84
CA SER B 47 -2.26 -40.67 14.72
C SER B 47 -3.68 -41.25 14.69
N GLY B 48 -4.67 -40.45 15.07
CA GLY B 48 -6.04 -40.92 15.17
C GLY B 48 -6.32 -41.62 16.49
N GLU B 49 -5.41 -41.51 17.44
CA GLU B 49 -5.62 -42.11 18.76
C GLU B 49 -6.70 -41.39 19.57
N VAL B 50 -6.97 -40.14 19.22
CA VAL B 50 -8.09 -39.40 19.78
C VAL B 50 -8.75 -38.69 18.62
N GLU B 51 -10.04 -38.35 18.77
CA GLU B 51 -10.72 -37.65 17.70
C GLU B 51 -10.11 -36.26 17.48
N TRP B 52 -10.03 -35.82 16.24
CA TRP B 52 -9.30 -34.60 15.91
C TRP B 52 -9.81 -33.37 16.68
N LEU B 53 -11.11 -33.11 16.62
CA LEU B 53 -11.66 -31.98 17.34
C LEU B 53 -11.35 -32.06 18.82
N ASP B 54 -11.37 -33.26 19.37
CA ASP B 54 -11.09 -33.41 20.80
C ASP B 54 -9.67 -32.97 21.15
N SER B 55 -8.68 -33.44 20.39
CA SER B 55 -7.30 -33.08 20.71
C SER B 55 -7.07 -31.60 20.43
N LEU B 56 -7.74 -31.08 19.40
CA LEU B 56 -7.59 -29.65 19.08
C LEU B 56 -8.07 -28.77 20.24
N LEU B 57 -9.29 -29.01 20.70
CA LEU B 57 -9.82 -28.19 21.79
C LEU B 57 -9.03 -28.36 23.08
N LYS B 58 -8.50 -29.55 23.32
CA LYS B 58 -7.64 -29.71 24.49
C LYS B 58 -6.36 -28.88 24.39
N ARG B 59 -5.79 -28.82 23.18
CA ARG B 59 -4.62 -27.96 22.99
C ARG B 59 -4.96 -26.48 23.19
N VAL B 60 -6.05 -26.04 22.58
CA VAL B 60 -6.55 -24.68 22.81
C VAL B 60 -6.70 -24.41 24.31
N GLY B 61 -7.28 -25.36 25.02
CA GLY B 61 -7.44 -25.22 26.45
C GLY B 61 -6.11 -24.98 27.15
N LEU B 62 -5.06 -25.65 26.68
CA LEU B 62 -3.77 -25.57 27.36
C LEU B 62 -3.03 -24.25 27.18
N ILE B 63 -3.39 -23.46 26.17
CA ILE B 63 -2.74 -22.16 26.00
C ILE B 63 -3.69 -20.99 26.31
N ARG B 64 -4.89 -21.29 26.77
CA ARG B 64 -5.78 -20.22 27.18
C ARG B 64 -5.07 -19.35 28.19
N GLY B 65 -5.16 -18.03 28.01
CA GLY B 65 -4.55 -17.10 28.93
C GLY B 65 -3.20 -16.54 28.49
N ILE B 66 -2.58 -17.16 27.48
CA ILE B 66 -1.27 -16.74 27.04
C ILE B 66 -1.35 -15.35 26.42
N ASP B 67 -0.28 -14.57 26.56
CA ASP B 67 -0.27 -13.20 26.10
C ASP B 67 -0.51 -13.13 24.60
N GLU B 68 -1.36 -12.20 24.17
CA GLU B 68 -1.65 -12.02 22.74
C GLU B 68 -0.36 -11.75 21.95
N GLY B 69 0.54 -10.98 22.55
CA GLY B 69 1.82 -10.73 21.92
C GLY B 69 2.67 -11.96 21.71
N THR B 70 2.82 -12.79 22.74
CA THR B 70 3.57 -14.03 22.61
C THR B 70 2.99 -14.89 21.48
N PHE B 71 1.67 -14.94 21.44
CA PHE B 71 0.95 -15.70 20.43
C PHE B 71 1.25 -15.16 19.03
N LEU B 72 1.00 -13.87 18.83
CA LEU B 72 1.14 -13.27 17.52
C LEU B 72 2.60 -13.24 17.04
N ARG B 73 3.54 -13.19 17.97
CA ARG B 73 4.96 -13.18 17.64
C ARG B 73 5.41 -14.44 16.88
N THR B 74 4.65 -15.52 16.98
CA THR B 74 5.05 -16.75 16.31
C THR B 74 5.06 -16.53 14.80
N ARG B 75 4.32 -15.54 14.35
CA ARG B 75 4.28 -15.16 12.94
C ARG B 75 5.69 -14.85 12.44
N GLU B 76 6.55 -14.33 13.33
CA GLU B 76 7.90 -13.99 12.92
C GLU B 76 8.68 -15.20 12.42
N LYS B 77 8.26 -16.40 12.85
CA LYS B 77 8.92 -17.63 12.43
C LYS B 77 8.37 -18.20 11.11
N VAL B 78 7.39 -17.52 10.54
CA VAL B 78 6.76 -17.98 9.32
C VAL B 78 7.21 -17.12 8.15
N ASN B 79 7.65 -17.75 7.07
CA ASN B 79 8.08 -17.03 5.86
C ASN B 79 7.63 -17.75 4.60
N VAL B 80 7.32 -16.99 3.56
CA VAL B 80 7.06 -17.60 2.26
C VAL B 80 8.39 -17.84 1.55
N SER B 81 8.78 -19.10 1.37
CA SER B 81 10.05 -19.41 0.74
C SER B 81 9.98 -19.17 -0.76
N PRO B 82 11.15 -19.00 -1.41
CA PRO B 82 11.11 -18.88 -2.86
C PRO B 82 10.46 -20.09 -3.49
N GLU B 83 10.69 -21.26 -2.91
CA GLU B 83 10.14 -22.50 -3.46
C GLU B 83 8.63 -22.52 -3.34
N ALA B 84 8.12 -22.08 -2.19
CA ALA B 84 6.68 -22.04 -1.96
C ALA B 84 6.05 -21.09 -2.96
N ARG B 85 6.68 -19.94 -3.15
CA ARG B 85 6.17 -18.96 -4.09
C ARG B 85 6.22 -19.55 -5.51
N GLU B 86 7.28 -20.30 -5.78
CA GLU B 86 7.45 -20.89 -7.10
C GLU B 86 6.32 -21.86 -7.39
N LEU B 87 5.95 -22.65 -6.40
CA LEU B 87 4.84 -23.59 -6.58
C LEU B 87 3.59 -22.83 -6.99
N VAL B 88 3.31 -21.75 -6.26
CA VAL B 88 2.06 -21.03 -6.47
C VAL B 88 2.02 -20.28 -7.79
N GLU B 89 3.13 -19.64 -8.14
CA GLU B 89 3.22 -18.91 -9.38
C GLU B 89 3.09 -19.87 -10.57
N THR B 90 3.68 -21.05 -10.44
CA THR B 90 3.67 -22.03 -11.52
C THR B 90 2.25 -22.61 -11.71
N LEU B 91 1.55 -22.86 -10.60
CA LEU B 91 0.17 -23.30 -10.70
C LEU B 91 -0.67 -22.29 -11.50
N ARG B 92 -0.44 -20.99 -11.27
CA ARG B 92 -1.19 -19.98 -12.02
C ARG B 92 -0.86 -20.04 -13.50
N GLU B 93 0.44 -20.22 -13.77
CA GLU B 93 0.94 -20.36 -15.13
C GLU B 93 0.26 -21.51 -15.84
N LYS B 94 0.04 -22.59 -15.10
CA LYS B 94 -0.55 -23.80 -15.68
C LYS B 94 -2.09 -23.76 -15.63
N GLY B 95 -2.64 -22.59 -15.35
CA GLY B 95 -4.08 -22.39 -15.47
C GLY B 95 -4.93 -22.73 -14.27
N PHE B 96 -4.33 -22.82 -13.08
CA PHE B 96 -5.11 -23.10 -11.86
C PHE B 96 -5.43 -21.81 -11.12
N LYS B 97 -6.60 -21.78 -10.50
CA LYS B 97 -6.93 -20.83 -9.44
C LYS B 97 -6.37 -21.46 -8.16
N VAL B 98 -5.61 -20.69 -7.37
CA VAL B 98 -4.93 -21.27 -6.21
C VAL B 98 -5.60 -20.91 -4.89
N VAL B 99 -5.89 -21.91 -4.07
CA VAL B 99 -6.53 -21.70 -2.79
C VAL B 99 -5.66 -22.30 -1.69
N LEU B 100 -5.26 -21.49 -0.73
CA LEU B 100 -4.45 -21.99 0.38
C LEU B 100 -5.34 -22.20 1.59
N ILE B 101 -5.22 -23.34 2.26
CA ILE B 101 -6.05 -23.66 3.43
C ILE B 101 -5.16 -24.16 4.56
N SER B 102 -5.60 -23.90 5.79
CA SER B 102 -5.00 -24.51 6.97
C SER B 102 -6.00 -24.55 8.13
N GLY B 103 -5.84 -25.53 9.02
CA GLY B 103 -6.58 -25.55 10.27
C GLY B 103 -5.91 -24.74 11.39
N SER B 104 -4.77 -24.14 11.08
CA SER B 104 -4.08 -23.26 12.02
C SER B 104 -4.61 -21.83 11.91
N PHE B 105 -4.00 -20.92 12.66
CA PHE B 105 -4.46 -19.54 12.75
C PHE B 105 -4.03 -18.60 11.62
N GLU B 106 -5.02 -17.95 11.01
CA GLU B 106 -4.79 -16.91 10.02
C GLU B 106 -3.81 -15.85 10.53
N GLU B 107 -3.90 -15.52 11.82
CA GLU B 107 -3.01 -14.53 12.44
C GLU B 107 -1.53 -14.92 12.35
N VAL B 108 -1.25 -16.21 12.39
CA VAL B 108 0.12 -16.71 12.40
C VAL B 108 0.60 -17.01 10.99
N LEU B 109 -0.30 -17.55 10.17
CA LEU B 109 0.02 -17.86 8.78
C LEU B 109 -0.19 -16.65 7.87
N GLU B 110 -0.32 -15.47 8.48
CA GLU B 110 -0.57 -14.24 7.74
C GLU B 110 0.35 -14.00 6.52
N PRO B 111 1.62 -14.42 6.61
CA PRO B 111 2.49 -14.14 5.46
C PRO B 111 2.01 -14.79 4.17
N PHE B 112 1.15 -15.81 4.29
CA PHE B 112 0.63 -16.52 3.12
C PHE B 112 -0.67 -15.93 2.62
N LYS B 113 -1.18 -14.93 3.32
CA LYS B 113 -2.55 -14.46 3.14
C LYS B 113 -2.88 -14.03 1.71
N GLU B 114 -1.93 -13.37 1.04
CA GLU B 114 -2.17 -12.89 -0.32
C GLU B 114 -1.39 -13.66 -1.38
N LEU B 115 -0.82 -14.82 -1.00
CA LEU B 115 -0.01 -15.58 -1.93
C LEU B 115 -0.84 -16.24 -3.03
N GLY B 116 -1.89 -16.96 -2.63
CA GLY B 116 -2.79 -17.60 -3.57
C GLY B 116 -3.93 -16.66 -3.94
N ASP B 117 -4.91 -17.19 -4.65
CA ASP B 117 -6.08 -16.40 -5.06
C ASP B 117 -7.13 -16.35 -3.96
N GLU B 118 -7.19 -17.40 -3.15
CA GLU B 118 -8.01 -17.38 -1.94
C GLU B 118 -7.24 -17.99 -0.78
N PHE B 119 -7.59 -17.57 0.43
CA PHE B 119 -6.89 -18.00 1.64
C PHE B 119 -7.92 -18.26 2.72
N ALA B 121 -8.12 -19.94 6.84
CA ALA B 121 -7.70 -20.67 8.02
C ALA B 121 -8.65 -20.36 9.17
N ASN B 122 -8.41 -21.00 10.30
CA ASN B 122 -9.14 -20.65 11.51
C ASN B 122 -8.63 -19.33 12.10
N ARG B 123 -9.29 -18.80 13.11
CA ARG B 123 -8.84 -17.56 13.73
C ARG B 123 -8.79 -17.65 15.24
N ALA B 124 -8.18 -16.65 15.87
CA ALA B 124 -7.97 -16.67 17.31
C ALA B 124 -8.89 -15.67 18.01
N ILE B 125 -9.29 -15.98 19.23
CA ILE B 125 -10.12 -15.07 20.01
C ILE B 125 -9.24 -14.48 21.09
N PHE B 126 -9.13 -13.16 21.10
CA PHE B 126 -8.38 -12.45 22.14
C PHE B 126 -9.31 -11.57 22.97
N GLU B 127 -9.09 -11.57 24.27
CA GLU B 127 -9.83 -10.70 25.18
C GLU B 127 -8.86 -10.12 26.20
N ASP B 128 -8.91 -8.81 26.41
CA ASP B 128 -8.01 -8.16 27.36
C ASP B 128 -6.57 -8.62 27.18
N GLY B 129 -6.15 -8.73 25.93
CA GLY B 129 -4.77 -9.02 25.61
C GLY B 129 -4.29 -10.44 25.89
N LYS B 130 -5.23 -11.37 26.05
CA LYS B 130 -4.90 -12.78 26.25
C LYS B 130 -5.67 -13.66 25.26
N PHE B 131 -5.04 -14.77 24.87
CA PHE B 131 -5.71 -15.75 24.01
C PHE B 131 -6.80 -16.50 24.79
N GLN B 132 -8.00 -16.52 24.23
CA GLN B 132 -9.12 -17.16 24.90
C GLN B 132 -9.59 -18.43 24.22
N GLY B 133 -9.43 -18.51 22.90
CA GLY B 133 -9.93 -19.65 22.16
C GLY B 133 -9.87 -19.51 20.64
N ILE B 134 -10.49 -20.46 19.97
CA ILE B 134 -10.39 -20.61 18.52
C ILE B 134 -11.75 -20.38 17.84
N ARG B 135 -11.71 -19.68 16.71
CA ARG B 135 -12.86 -19.60 15.83
C ARG B 135 -12.70 -20.68 14.77
N LEU B 136 -13.59 -21.67 14.80
CA LEU B 136 -13.56 -22.75 13.81
C LEU B 136 -14.35 -22.30 12.60
N ARG B 137 -13.66 -22.07 11.50
CA ARG B 137 -14.25 -21.39 10.35
C ARG B 137 -14.66 -22.34 9.23
N PHE B 138 -14.30 -23.60 9.39
CA PHE B 138 -14.77 -24.67 8.50
C PHE B 138 -14.73 -25.96 9.29
N ARG B 139 -15.57 -26.92 8.91
CA ARG B 139 -15.71 -28.13 9.71
C ARG B 139 -14.44 -28.96 9.66
N ASP B 140 -13.98 -29.20 8.45
CA ASP B 140 -12.73 -29.89 8.18
C ASP B 140 -12.39 -29.60 6.72
N LYS B 141 -11.24 -30.06 6.27
CA LYS B 141 -10.77 -29.64 4.95
C LYS B 141 -11.56 -30.26 3.82
N GLY B 142 -12.09 -31.45 4.07
CA GLY B 142 -13.01 -32.07 3.14
C GLY B 142 -14.22 -31.19 2.90
N GLU B 143 -14.86 -30.74 3.99
CA GLU B 143 -16.07 -29.92 3.87
C GLU B 143 -15.74 -28.63 3.17
N PHE B 144 -14.58 -28.05 3.48
CA PHE B 144 -14.20 -26.80 2.89
C PHE B 144 -14.12 -26.91 1.36
N LEU B 145 -13.64 -28.04 0.86
CA LEU B 145 -13.52 -28.24 -0.58
C LEU B 145 -14.87 -28.18 -1.32
N LYS B 146 -15.97 -28.34 -0.59
CA LYS B 146 -17.30 -28.27 -1.19
C LYS B 146 -17.55 -26.90 -1.81
N ARG B 147 -16.82 -25.90 -1.34
CA ARG B 147 -16.90 -24.56 -1.94
C ARG B 147 -16.61 -24.57 -3.42
N PHE B 148 -15.87 -25.59 -3.87
CA PHE B 148 -15.39 -25.67 -5.25
C PHE B 148 -15.97 -26.88 -5.96
N ARG B 149 -17.15 -27.31 -5.52
CA ARG B 149 -17.76 -28.53 -6.02
C ARG B 149 -18.19 -28.43 -7.49
N ASP B 150 -18.33 -27.22 -8.01
CA ASP B 150 -18.82 -27.05 -9.38
C ASP B 150 -17.72 -27.22 -10.45
N GLY B 151 -16.49 -27.37 -10.00
CA GLY B 151 -15.37 -27.56 -10.91
C GLY B 151 -14.43 -28.68 -10.48
N PHE B 152 -13.28 -28.75 -11.14
CA PHE B 152 -12.29 -29.78 -10.83
C PHE B 152 -11.30 -29.28 -9.79
N ILE B 153 -10.73 -30.22 -9.04
CA ILE B 153 -9.83 -29.86 -7.94
C ILE B 153 -8.59 -30.73 -7.92
N LEU B 154 -7.42 -30.07 -7.95
CA LEU B 154 -6.16 -30.70 -7.61
C LEU B 154 -5.82 -30.34 -6.17
N ALA B 155 -5.59 -31.34 -5.33
CA ALA B 155 -5.30 -31.04 -3.93
C ALA B 155 -3.91 -31.51 -3.55
N GLY B 157 -1.21 -31.75 -0.13
CA GLY B 157 -1.20 -31.67 1.31
C GLY B 157 -0.20 -32.62 1.93
N ASP B 158 -0.07 -32.53 3.25
CA ASP B 158 0.86 -33.34 4.01
C ASP B 158 0.20 -33.64 5.36
N GLY B 159 1.06 -33.89 6.34
CA GLY B 159 0.67 -34.43 7.63
C GLY B 159 -0.56 -33.91 8.33
N TYR B 160 -0.98 -32.68 8.03
CA TYR B 160 -2.21 -32.12 8.61
C TYR B 160 -3.46 -32.31 7.75
N ALA B 161 -3.31 -33.06 6.66
CA ALA B 161 -4.44 -33.41 5.82
C ALA B 161 -4.81 -34.87 6.08
N ASP B 162 -5.92 -35.31 5.52
CA ASP B 162 -6.36 -36.70 5.69
C ASP B 162 -7.20 -37.15 4.51
N ALA B 163 -7.76 -38.35 4.61
CA ALA B 163 -8.48 -38.92 3.47
C ALA B 163 -9.71 -38.07 3.10
N LYS B 164 -10.27 -37.36 4.09
CA LYS B 164 -11.48 -36.59 3.83
C LYS B 164 -11.24 -35.50 2.81
N PHE B 166 -8.76 -35.54 0.57
CA PHE B 166 -8.33 -36.08 -0.71
C PHE B 166 -9.45 -36.72 -1.54
N GLU B 167 -10.48 -37.24 -0.88
CA GLU B 167 -11.50 -37.92 -1.68
C GLU B 167 -12.45 -36.92 -2.33
N ARG B 168 -12.33 -35.65 -1.94
CA ARG B 168 -13.09 -34.59 -2.58
C ARG B 168 -12.38 -34.11 -3.85
N ALA B 169 -11.10 -34.43 -3.97
CA ALA B 169 -10.27 -33.94 -5.08
C ALA B 169 -10.27 -34.88 -6.27
N ASP B 170 -10.07 -34.31 -7.46
CA ASP B 170 -10.02 -35.10 -8.68
C ASP B 170 -8.64 -35.69 -8.89
N GLY B 172 -4.98 -35.95 -6.30
CA GLY B 172 -4.41 -35.59 -5.01
C GLY B 172 -2.96 -35.99 -4.93
N ILE B 173 -2.14 -35.11 -4.38
CA ILE B 173 -0.73 -35.35 -4.23
C ILE B 173 -0.32 -35.12 -2.79
N ALA B 174 0.25 -36.14 -2.18
CA ALA B 174 0.76 -36.04 -0.81
C ALA B 174 2.24 -35.67 -0.86
N VAL B 175 2.70 -34.94 0.16
CA VAL B 175 4.09 -34.54 0.24
C VAL B 175 4.83 -35.05 1.47
N GLY B 176 5.79 -35.95 1.25
CA GLY B 176 6.61 -36.47 2.32
C GLY B 176 6.21 -37.63 3.22
N ARG B 177 4.96 -38.05 3.11
CA ARG B 177 4.45 -39.17 3.91
C ARG B 177 3.11 -39.41 3.23
N GLU B 178 2.81 -40.69 3.00
CA GLU B 178 1.58 -41.07 2.30
C GLU B 178 0.36 -40.63 3.07
N ILE B 179 -0.69 -40.29 2.34
CA ILE B 179 -1.96 -39.93 2.91
C ILE B 179 -3.04 -40.70 2.16
N PRO B 180 -3.91 -41.41 2.90
CA PRO B 180 -4.94 -42.19 2.21
C PRO B 180 -5.80 -41.28 1.34
N GLY B 181 -6.05 -41.70 0.10
CA GLY B 181 -6.85 -40.91 -0.82
C GLY B 181 -6.01 -40.21 -1.86
N ALA B 182 -4.74 -39.99 -1.55
CA ALA B 182 -3.84 -39.31 -2.48
C ALA B 182 -3.46 -40.23 -3.63
N ASP B 183 -3.40 -39.69 -4.84
CA ASP B 183 -3.00 -40.46 -6.00
C ASP B 183 -1.48 -40.62 -6.07
N LEU B 184 -0.77 -39.55 -5.72
CA LEU B 184 0.67 -39.47 -5.87
C LEU B 184 1.31 -39.13 -4.52
N LEU B 185 2.52 -39.62 -4.30
CA LEU B 185 3.34 -39.15 -3.19
C LEU B 185 4.62 -38.58 -3.78
N VAL B 186 4.92 -37.31 -3.49
CA VAL B 186 6.20 -36.73 -3.89
C VAL B 186 7.06 -36.59 -2.63
N LYS B 187 8.38 -36.55 -2.77
CA LYS B 187 9.20 -36.64 -1.56
C LYS B 187 9.35 -35.32 -0.80
N ASP B 188 9.19 -34.20 -1.49
CA ASP B 188 9.35 -32.89 -0.86
C ASP B 188 8.77 -31.80 -1.76
N LEU B 189 8.75 -30.56 -1.27
CA LEU B 189 8.18 -29.46 -2.02
C LEU B 189 8.85 -29.29 -3.38
N LYS B 190 10.17 -29.43 -3.40
CA LYS B 190 10.92 -29.27 -4.66
C LYS B 190 10.36 -30.20 -5.73
N GLU B 191 10.04 -31.42 -5.33
CA GLU B 191 9.58 -32.41 -6.28
C GLU B 191 8.16 -32.10 -6.74
N LEU B 192 7.37 -31.52 -5.83
CA LEU B 192 6.04 -31.07 -6.18
C LEU B 192 6.13 -29.95 -7.22
N VAL B 193 7.03 -29.00 -7.00
CA VAL B 193 7.27 -27.93 -7.96
C VAL B 193 7.63 -28.49 -9.34
N ASP B 194 8.53 -29.47 -9.35
CA ASP B 194 8.95 -30.13 -10.58
C ASP B 194 7.77 -30.80 -11.32
N PHE B 195 6.89 -31.43 -10.56
CA PHE B 195 5.72 -32.06 -11.14
C PHE B 195 4.81 -31.02 -11.79
N ILE B 196 4.58 -29.92 -11.08
CA ILE B 196 3.70 -28.90 -11.62
C ILE B 196 4.33 -28.23 -12.83
N LYS B 197 5.65 -28.04 -12.78
CA LYS B 197 6.36 -27.41 -13.88
C LYS B 197 6.21 -28.23 -15.16
N ASN B 198 6.06 -29.54 -14.99
CA ASN B 198 5.86 -30.44 -16.13
C ASN B 198 4.46 -30.43 -16.74
N LEU B 199 3.54 -29.64 -16.20
CA LEU B 199 2.15 -29.63 -16.66
C LEU B 199 1.88 -28.86 -17.96
N LYS B 200 1.00 -29.43 -18.79
CA LYS B 200 0.48 -28.85 -20.03
C LYS B 200 0.64 -29.77 -21.24
N GLY C 1 2.12 32.06 13.89
CA GLY C 1 1.14 32.87 13.19
C GLY C 1 0.96 32.41 11.76
N ALA C 2 0.89 33.37 10.84
CA ALA C 2 0.57 33.05 9.45
C ALA C 2 1.78 32.71 8.58
N ASP C 4 5.70 30.34 8.42
CA ASP C 4 6.87 29.57 8.88
C ASP C 4 7.93 29.67 7.79
N PRO C 5 8.99 30.45 8.04
CA PRO C 5 10.06 30.66 7.06
C PRO C 5 11.00 29.45 7.01
N GLN C 6 10.46 28.28 6.70
CA GLN C 6 11.21 27.03 6.77
C GLN C 6 12.51 27.06 5.99
N PHE C 7 12.50 27.74 4.84
CA PHE C 7 13.66 27.67 3.96
C PHE C 7 14.89 28.35 4.57
N LYS C 9 15.82 28.10 7.81
CA LYS C 9 16.23 27.48 9.06
C LYS C 9 17.45 26.58 8.94
N LYS C 10 18.23 26.53 10.02
CA LYS C 10 19.31 25.57 10.13
C LYS C 10 18.76 24.17 9.92
N VAL C 11 19.56 23.31 9.31
CA VAL C 11 19.10 21.99 8.91
C VAL C 11 19.62 20.92 9.85
N ALA C 12 18.71 20.11 10.38
CA ALA C 12 19.10 18.95 11.16
C ALA C 12 18.95 17.70 10.27
N VAL C 13 20.08 17.11 9.89
CA VAL C 13 20.04 15.90 9.05
C VAL C 13 20.27 14.70 9.93
N ILE C 14 19.38 13.72 9.84
CA ILE C 14 19.52 12.48 10.60
C ILE C 14 19.67 11.29 9.67
N ASP C 15 20.80 10.58 9.77
CA ASP C 15 21.01 9.33 9.05
C ASP C 15 20.29 8.27 9.86
N ILE C 16 19.22 7.72 9.29
CA ILE C 16 18.24 6.94 10.02
C ILE C 16 18.80 5.71 10.71
N GLU C 17 19.63 4.95 9.99
CA GLU C 17 20.10 3.68 10.52
C GLU C 17 21.05 3.84 11.69
N GLY C 18 20.72 3.21 12.81
CA GLY C 18 21.57 3.29 13.97
C GLY C 18 21.32 4.54 14.79
N THR C 19 20.42 5.40 14.33
CA THR C 19 19.98 6.52 15.15
C THR C 19 18.53 6.34 15.56
N LEU C 20 17.63 6.25 14.57
CA LEU C 20 16.20 6.13 14.84
C LEU C 20 15.71 4.69 14.85
N THR C 21 16.45 3.80 14.23
CA THR C 21 16.09 2.39 14.18
C THR C 21 17.32 1.50 14.25
N ASP C 22 17.20 0.31 14.84
CA ASP C 22 18.32 -0.62 14.72
C ASP C 22 18.07 -1.66 13.64
N PHE C 23 17.07 -1.45 12.80
CA PHE C 23 16.85 -2.34 11.66
C PHE C 23 17.92 -2.18 10.59
N GLU C 24 18.47 -3.31 10.15
CA GLU C 24 19.53 -3.30 9.15
C GLU C 24 19.16 -4.21 7.98
N PHE C 25 18.60 -3.60 6.93
CA PHE C 25 18.09 -4.34 5.77
C PHE C 25 18.98 -5.48 5.28
N TRP C 26 20.28 -5.23 5.12
CA TRP C 26 21.13 -6.28 4.55
C TRP C 26 21.37 -7.45 5.50
N ARG C 27 21.43 -7.19 6.80
CA ARG C 27 21.50 -8.28 7.78
C ARG C 27 20.20 -9.07 7.76
N GLU C 28 19.07 -8.37 7.55
CA GLU C 28 17.79 -9.07 7.43
C GLU C 28 17.76 -9.91 6.15
N ALA C 30 20.35 -11.22 4.72
CA ALA C 30 21.21 -12.37 4.96
C ALA C 30 20.47 -13.45 5.76
N ARG C 31 19.61 -13.02 6.69
CA ARG C 31 18.89 -13.95 7.54
C ARG C 31 17.84 -14.72 6.73
N ILE C 32 17.08 -13.98 5.93
CA ILE C 32 15.98 -14.58 5.16
C ILE C 32 16.47 -15.48 4.03
N THR C 33 17.50 -15.04 3.31
CA THR C 33 17.99 -15.81 2.16
C THR C 33 18.94 -16.92 2.61
N GLY C 34 19.46 -16.79 3.83
CA GLY C 34 20.49 -17.69 4.30
C GLY C 34 21.84 -17.45 3.67
N LYS C 35 21.95 -16.41 2.85
CA LYS C 35 23.23 -16.11 2.19
C LYS C 35 24.16 -15.30 3.10
N ARG C 36 25.08 -16.00 3.74
CA ARG C 36 26.05 -15.35 4.62
C ARG C 36 26.91 -14.30 3.91
N GLU C 37 27.21 -14.54 2.63
CA GLU C 37 27.96 -13.60 1.80
C GLU C 37 27.41 -12.16 1.86
N ILE C 38 26.10 -12.03 1.98
CA ILE C 38 25.50 -10.69 2.01
C ILE C 38 26.00 -9.89 3.21
N GLU C 39 25.96 -10.52 4.38
CA GLU C 39 26.36 -9.85 5.61
C GLU C 39 27.87 -9.64 5.63
N GLU C 40 28.60 -10.62 5.09
CA GLU C 40 30.04 -10.49 4.99
C GLU C 40 30.44 -9.30 4.13
N LEU C 41 29.78 -9.13 3.00
CA LEU C 41 30.01 -7.98 2.12
C LEU C 41 29.68 -6.67 2.85
N LEU C 42 28.60 -6.69 3.62
CA LEU C 42 28.28 -5.54 4.46
C LEU C 42 29.43 -5.19 5.41
N GLU C 43 29.96 -6.20 6.10
CA GLU C 43 31.05 -5.97 7.06
C GLU C 43 32.30 -5.46 6.35
N LYS C 44 32.58 -6.00 5.17
CA LYS C 44 33.73 -5.55 4.39
C LYS C 44 33.55 -4.09 3.97
N GLY C 45 32.32 -3.74 3.64
CA GLY C 45 31.99 -2.36 3.30
C GLY C 45 32.16 -1.40 4.48
N LEU C 46 31.55 -1.75 5.61
CA LEU C 46 31.56 -0.87 6.78
C LEU C 46 32.97 -0.67 7.32
N SER C 47 33.83 -1.67 7.14
CA SER C 47 35.19 -1.61 7.67
C SER C 47 36.14 -0.98 6.68
N GLY C 48 35.65 -0.74 5.46
CA GLY C 48 36.47 -0.15 4.43
C GLY C 48 37.41 -1.13 3.73
N GLU C 49 37.25 -2.43 3.99
CA GLU C 49 38.08 -3.46 3.39
C GLU C 49 37.80 -3.60 1.90
N VAL C 50 36.61 -3.18 1.48
CA VAL C 50 36.25 -3.15 0.09
C VAL C 50 35.60 -1.80 -0.16
N GLU C 51 35.70 -1.29 -1.38
CA GLU C 51 35.05 -0.01 -1.70
C GLU C 51 33.55 -0.08 -1.46
N TRP C 52 32.95 1.01 -1.03
CA TRP C 52 31.54 0.95 -0.61
C TRP C 52 30.58 0.57 -1.72
N LEU C 53 30.68 1.25 -2.86
CA LEU C 53 29.78 0.99 -3.97
C LEU C 53 29.97 -0.43 -4.45
N ASP C 54 31.22 -0.86 -4.53
CA ASP C 54 31.53 -2.21 -4.98
C ASP C 54 30.77 -3.21 -4.13
N SER C 55 30.89 -3.07 -2.81
CA SER C 55 30.22 -3.98 -1.89
C SER C 55 28.69 -3.88 -1.96
N LEU C 56 28.18 -2.66 -2.08
CA LEU C 56 26.75 -2.45 -2.22
C LEU C 56 26.20 -3.16 -3.44
N LEU C 57 26.86 -2.97 -4.57
CA LEU C 57 26.33 -3.53 -5.80
C LEU C 57 26.42 -5.05 -5.78
N LYS C 58 27.42 -5.59 -5.09
CA LYS C 58 27.50 -7.03 -4.95
C LYS C 58 26.36 -7.59 -4.09
N ARG C 59 25.98 -6.87 -3.03
CA ARG C 59 24.85 -7.28 -2.19
C ARG C 59 23.57 -7.22 -3.02
N VAL C 60 23.42 -6.14 -3.79
CA VAL C 60 22.26 -5.97 -4.64
C VAL C 60 22.12 -7.17 -5.59
N GLY C 61 23.24 -7.57 -6.20
CA GLY C 61 23.28 -8.73 -7.04
C GLY C 61 22.78 -9.99 -6.36
N LEU C 62 23.12 -10.16 -5.09
CA LEU C 62 22.81 -11.39 -4.37
C LEU C 62 21.34 -11.55 -3.99
N ILE C 63 20.54 -10.48 -4.12
CA ILE C 63 19.11 -10.61 -3.90
C ILE C 63 18.30 -10.39 -5.16
N ARG C 64 18.97 -10.35 -6.31
CA ARG C 64 18.24 -10.28 -7.59
C ARG C 64 17.19 -11.39 -7.60
N GLY C 65 15.98 -11.06 -8.01
CA GLY C 65 14.92 -12.05 -8.11
C GLY C 65 14.01 -12.17 -6.90
N ILE C 66 14.41 -11.63 -5.76
CA ILE C 66 13.62 -11.80 -4.56
C ILE C 66 12.25 -11.14 -4.74
N ASP C 67 11.20 -11.79 -4.25
CA ASP C 67 9.86 -11.25 -4.43
C ASP C 67 9.66 -9.90 -3.73
N GLU C 68 8.93 -9.00 -4.38
CA GLU C 68 8.55 -7.74 -3.77
C GLU C 68 7.88 -7.93 -2.40
N GLY C 69 7.11 -9.00 -2.23
CA GLY C 69 6.42 -9.22 -0.97
C GLY C 69 7.38 -9.54 0.16
N THR C 70 8.40 -10.30 -0.17
CA THR C 70 9.45 -10.65 0.77
C THR C 70 10.22 -9.40 1.14
N PHE C 71 10.46 -8.57 0.12
CA PHE C 71 11.17 -7.32 0.29
C PHE C 71 10.39 -6.40 1.23
N LEU C 72 9.11 -6.17 0.91
CA LEU C 72 8.26 -5.28 1.70
C LEU C 72 7.92 -5.79 3.11
N ARG C 73 7.94 -7.10 3.32
CA ARG C 73 7.71 -7.65 4.65
C ARG C 73 8.66 -7.05 5.70
N THR C 74 9.86 -6.67 5.28
CA THR C 74 10.85 -6.11 6.20
C THR C 74 10.37 -4.83 6.85
N ARG C 75 9.44 -4.14 6.18
CA ARG C 75 8.92 -2.89 6.70
C ARG C 75 8.29 -3.10 8.07
N GLU C 76 7.83 -4.32 8.32
CA GLU C 76 7.24 -4.65 9.61
C GLU C 76 8.24 -4.56 10.78
N LYS C 77 9.53 -4.59 10.48
CA LYS C 77 10.56 -4.45 11.51
C LYS C 77 11.03 -3.00 11.67
N VAL C 78 10.41 -2.10 10.91
CA VAL C 78 10.75 -0.71 10.94
C VAL C 78 9.60 0.06 11.58
N ASN C 79 9.84 0.63 12.76
CA ASN C 79 8.80 1.38 13.48
C ASN C 79 9.32 2.73 14.00
N VAL C 80 8.47 3.74 13.98
CA VAL C 80 8.80 5.01 14.62
C VAL C 80 8.54 4.89 16.12
N SER C 81 9.61 4.84 16.91
CA SER C 81 9.49 4.73 18.36
C SER C 81 9.12 6.08 18.98
N PRO C 82 8.62 6.05 20.22
CA PRO C 82 8.32 7.30 20.91
C PRO C 82 9.56 8.18 20.98
N GLU C 83 10.71 7.58 21.25
CA GLU C 83 11.97 8.29 21.32
C GLU C 83 12.33 8.94 19.98
N ALA C 84 12.15 8.20 18.87
CA ALA C 84 12.48 8.75 17.56
C ALA C 84 11.56 9.92 17.23
N ARG C 85 10.28 9.77 17.54
CA ARG C 85 9.34 10.85 17.33
C ARG C 85 9.73 12.07 18.17
N GLU C 86 10.12 11.82 19.42
CA GLU C 86 10.46 12.90 20.33
C GLU C 86 11.66 13.67 19.79
N LEU C 87 12.65 12.95 19.27
CA LEU C 87 13.82 13.63 18.71
C LEU C 87 13.39 14.63 17.64
N VAL C 88 12.63 14.14 16.67
CA VAL C 88 12.25 15.00 15.55
C VAL C 88 11.40 16.18 15.98
N GLU C 89 10.44 15.95 16.87
CA GLU C 89 9.60 17.04 17.35
C GLU C 89 10.39 18.10 18.14
N THR C 90 11.36 17.64 18.93
CA THR C 90 12.20 18.55 19.70
C THR C 90 13.10 19.37 18.77
N LEU C 91 13.71 18.71 17.78
CA LEU C 91 14.48 19.45 16.78
C LEU C 91 13.67 20.59 16.18
N ARG C 92 12.40 20.32 15.83
CA ARG C 92 11.55 21.40 15.34
C ARG C 92 11.33 22.49 16.36
N GLU C 93 11.11 22.11 17.61
CA GLU C 93 10.92 23.09 18.68
C GLU C 93 12.17 23.95 18.84
N LYS C 94 13.32 23.33 18.60
CA LYS C 94 14.59 24.01 18.73
C LYS C 94 14.93 24.80 17.45
N GLY C 95 14.00 24.81 16.51
CA GLY C 95 14.10 25.67 15.33
C GLY C 95 14.87 25.09 14.17
N PHE C 96 14.95 23.77 14.09
CA PHE C 96 15.57 23.11 12.96
C PHE C 96 14.54 22.66 11.93
N LYS C 97 14.92 22.69 10.67
CA LYS C 97 14.24 21.92 9.64
C LYS C 97 14.86 20.51 9.67
N VAL C 98 14.05 19.47 9.69
CA VAL C 98 14.54 18.09 9.87
C VAL C 98 14.52 17.29 8.57
N VAL C 99 15.67 16.74 8.21
CA VAL C 99 15.83 15.98 6.98
C VAL C 99 16.32 14.59 7.38
N LEU C 100 15.55 13.57 6.99
CA LEU C 100 15.90 12.20 7.30
C LEU C 100 16.46 11.57 6.04
N ILE C 101 17.65 10.98 6.15
CA ILE C 101 18.27 10.35 5.00
C ILE C 101 18.68 8.91 5.29
N SER C 102 18.84 8.13 4.23
CA SER C 102 19.40 6.79 4.34
C SER C 102 19.90 6.31 2.99
N GLY C 103 20.89 5.44 3.03
CA GLY C 103 21.35 4.78 1.82
C GLY C 103 20.57 3.50 1.56
N SER C 104 19.63 3.18 2.45
CA SER C 104 18.76 2.04 2.23
C SER C 104 17.52 2.45 1.44
N PHE C 105 16.59 1.52 1.32
CA PHE C 105 15.41 1.69 0.45
C PHE C 105 14.25 2.48 1.06
N GLU C 106 13.76 3.47 0.32
CA GLU C 106 12.60 4.23 0.76
C GLU C 106 11.41 3.32 1.06
N GLU C 107 11.27 2.26 0.27
CA GLU C 107 10.14 1.34 0.38
C GLU C 107 10.12 0.62 1.71
N VAL C 108 11.30 0.33 2.24
CA VAL C 108 11.44 -0.34 3.52
C VAL C 108 11.36 0.65 4.69
N LEU C 109 11.88 1.85 4.46
CA LEU C 109 11.91 2.88 5.49
C LEU C 109 10.66 3.79 5.47
N GLU C 110 9.65 3.33 4.77
CA GLU C 110 8.39 4.06 4.63
C GLU C 110 7.81 4.63 5.94
N PRO C 111 7.94 3.91 7.05
CA PRO C 111 7.38 4.50 8.29
C PRO C 111 7.96 5.87 8.65
N PHE C 112 9.13 6.21 8.12
CA PHE C 112 9.81 7.46 8.41
C PHE C 112 9.54 8.53 7.36
N LYS C 113 8.82 8.15 6.30
CA LYS C 113 8.65 8.98 5.12
C LYS C 113 8.11 10.38 5.45
N GLU C 114 7.16 10.45 6.38
CA GLU C 114 6.49 11.71 6.70
C GLU C 114 6.85 12.26 8.08
N LEU C 115 7.86 11.67 8.70
CA LEU C 115 8.22 12.08 10.06
C LEU C 115 8.95 13.43 10.04
N GLY C 116 9.94 13.55 9.16
CA GLY C 116 10.70 14.79 9.03
C GLY C 116 10.08 15.76 8.04
N ASP C 117 10.78 16.86 7.79
CA ASP C 117 10.34 17.86 6.84
C ASP C 117 10.70 17.45 5.42
N GLU C 118 11.82 16.76 5.27
CA GLU C 118 12.20 16.16 4.00
C GLU C 118 12.75 14.76 4.25
N PHE C 119 12.60 13.90 3.26
CA PHE C 119 13.01 12.50 3.38
C PHE C 119 13.75 12.10 2.10
N ALA C 121 16.00 8.65 0.43
CA ALA C 121 16.78 7.41 0.42
C ALA C 121 16.83 6.86 -1.00
N ASN C 122 17.48 5.72 -1.17
CA ASN C 122 17.53 5.10 -2.47
C ASN C 122 16.22 4.35 -2.75
N ARG C 123 16.07 3.81 -3.95
CA ARG C 123 14.82 3.14 -4.28
C ARG C 123 15.11 1.80 -4.92
N ALA C 124 14.10 0.92 -4.96
CA ALA C 124 14.26 -0.43 -5.52
C ALA C 124 13.65 -0.53 -6.91
N ILE C 125 14.23 -1.38 -7.75
CA ILE C 125 13.69 -1.61 -9.09
C ILE C 125 12.99 -2.96 -9.09
N PHE C 126 11.70 -2.97 -9.41
CA PHE C 126 10.96 -4.21 -9.48
C PHE C 126 10.44 -4.41 -10.89
N GLU C 127 10.53 -5.64 -11.38
CA GLU C 127 9.99 -6.01 -12.67
C GLU C 127 9.22 -7.31 -12.49
N ASP C 128 7.93 -7.28 -12.82
CA ASP C 128 7.08 -8.46 -12.66
C ASP C 128 7.12 -8.92 -11.21
N GLY C 129 7.19 -7.97 -10.29
CA GLY C 129 7.16 -8.24 -8.87
C GLY C 129 8.42 -8.83 -8.27
N LYS C 130 9.51 -8.84 -9.05
CA LYS C 130 10.79 -9.40 -8.60
C LYS C 130 11.88 -8.33 -8.60
N PHE C 131 12.75 -8.38 -7.59
CA PHE C 131 13.77 -7.34 -7.40
C PHE C 131 14.83 -7.42 -8.49
N GLN C 132 15.06 -6.30 -9.15
CA GLN C 132 16.06 -6.27 -10.21
C GLN C 132 17.34 -5.54 -9.84
N GLY C 133 17.24 -4.50 -9.01
CA GLY C 133 18.40 -3.67 -8.71
C GLY C 133 18.06 -2.42 -7.94
N ILE C 134 19.04 -1.53 -7.79
CA ILE C 134 18.90 -0.33 -6.98
C ILE C 134 18.90 0.94 -7.82
N ARG C 135 18.07 1.91 -7.43
CA ARG C 135 18.18 3.25 -7.98
C ARG C 135 19.00 4.06 -6.99
N LEU C 136 20.21 4.42 -7.40
CA LEU C 136 21.08 5.25 -6.58
C LEU C 136 20.71 6.71 -6.78
N ARG C 137 20.14 7.32 -5.74
CA ARG C 137 19.50 8.62 -5.90
C ARG C 137 20.39 9.77 -5.41
N PHE C 138 21.53 9.40 -4.82
CA PHE C 138 22.56 10.37 -4.47
C PHE C 138 23.89 9.61 -4.45
N ARG C 139 24.99 10.31 -4.68
CA ARG C 139 26.28 9.61 -4.80
C ARG C 139 26.68 9.00 -3.47
N ASP C 140 26.58 9.80 -2.42
CA ASP C 140 26.86 9.40 -1.05
C ASP C 140 26.29 10.49 -0.13
N LYS C 141 26.31 10.27 1.18
CA LYS C 141 25.58 11.18 2.07
C LYS C 141 26.21 12.57 2.13
N GLY C 142 27.53 12.64 1.98
CA GLY C 142 28.19 13.93 1.91
C GLY C 142 27.74 14.73 0.70
N GLU C 143 27.68 14.08 -0.46
CA GLU C 143 27.23 14.77 -1.67
C GLU C 143 25.80 15.23 -1.49
N PHE C 144 24.98 14.39 -0.84
CA PHE C 144 23.59 14.77 -0.65
C PHE C 144 23.48 16.08 0.14
N LEU C 145 24.30 16.19 1.17
CA LEU C 145 24.30 17.39 2.03
C LEU C 145 24.57 18.69 1.28
N LYS C 146 25.17 18.60 0.09
CA LYS C 146 25.40 19.81 -0.72
C LYS C 146 24.09 20.52 -1.03
N ARG C 147 22.99 19.78 -0.93
CA ARG C 147 21.66 20.32 -1.15
C ARG C 147 21.34 21.47 -0.17
N PHE C 148 22.03 21.46 0.97
CA PHE C 148 21.81 22.42 2.04
C PHE C 148 23.06 23.29 2.30
N ARG C 149 23.85 23.50 1.25
CA ARG C 149 25.10 24.22 1.38
C ARG C 149 24.91 25.69 1.71
N ASP C 150 23.73 26.23 1.41
CA ASP C 150 23.49 27.66 1.66
C ASP C 150 23.18 28.04 3.10
N GLY C 151 23.05 27.05 3.98
CA GLY C 151 22.85 27.31 5.38
C GLY C 151 23.71 26.43 6.26
N PHE C 152 23.35 26.37 7.54
CA PHE C 152 24.10 25.59 8.51
C PHE C 152 23.49 24.21 8.69
N ILE C 153 24.30 23.25 9.10
CA ILE C 153 23.82 21.88 9.24
C ILE C 153 24.30 21.24 10.54
N LEU C 154 23.38 20.66 11.28
CA LEU C 154 23.71 19.75 12.36
C LEU C 154 23.41 18.35 11.83
N ALA C 155 24.41 17.47 11.85
CA ALA C 155 24.22 16.12 11.33
C ALA C 155 24.35 15.13 12.45
N GLY C 157 24.29 10.85 13.15
CA GLY C 157 24.37 9.59 12.43
C GLY C 157 25.02 8.49 13.22
N ASP C 158 25.04 7.28 12.64
CA ASP C 158 25.70 6.13 13.27
C ASP C 158 26.29 5.30 12.14
N GLY C 159 26.51 4.03 12.44
CA GLY C 159 27.35 3.16 11.68
C GLY C 159 27.40 3.28 10.16
N TYR C 160 26.26 3.61 9.54
CA TYR C 160 26.20 3.82 8.12
C TYR C 160 26.65 5.21 7.58
N ALA C 161 27.15 6.05 8.48
CA ALA C 161 27.66 7.35 8.03
C ALA C 161 29.19 7.29 8.03
N ASP C 162 29.84 8.34 7.52
CA ASP C 162 31.30 8.38 7.49
C ASP C 162 31.81 9.81 7.56
N ALA C 163 33.12 9.98 7.43
CA ALA C 163 33.69 11.32 7.54
C ALA C 163 33.18 12.23 6.42
N LYS C 164 32.85 11.66 5.26
CA LYS C 164 32.36 12.47 4.15
C LYS C 164 31.11 13.24 4.55
N PHE C 166 29.98 13.89 7.72
CA PHE C 166 30.20 14.81 8.83
C PHE C 166 31.06 16.01 8.45
N GLU C 167 31.92 15.84 7.47
CA GLU C 167 32.74 16.94 6.96
C GLU C 167 31.89 18.10 6.46
N ARG C 168 30.70 17.78 5.93
CA ARG C 168 29.78 18.77 5.40
C ARG C 168 29.07 19.53 6.52
N ALA C 169 28.96 18.88 7.68
CA ALA C 169 28.18 19.42 8.79
C ALA C 169 28.95 20.47 9.60
N ASP C 170 28.25 21.49 10.08
CA ASP C 170 28.86 22.47 10.98
C ASP C 170 29.03 21.92 12.40
N GLY C 172 28.55 17.83 14.22
CA GLY C 172 28.20 16.46 13.94
C GLY C 172 28.15 15.63 15.21
N ILE C 173 27.15 14.77 15.32
CA ILE C 173 27.00 13.90 16.48
C ILE C 173 26.86 12.47 16.03
N ALA C 174 27.74 11.61 16.55
CA ALA C 174 27.64 10.18 16.34
C ALA C 174 26.89 9.53 17.49
N VAL C 175 26.16 8.47 17.18
CA VAL C 175 25.43 7.72 18.18
C VAL C 175 25.91 6.29 18.33
N GLY C 176 26.46 5.96 19.51
CA GLY C 176 26.85 4.58 19.77
C GLY C 176 28.16 3.97 19.34
N ARG C 177 28.89 4.66 18.47
CA ARG C 177 30.20 4.15 18.04
C ARG C 177 30.73 5.44 17.42
N GLU C 178 32.00 5.75 17.66
CA GLU C 178 32.58 6.98 17.14
C GLU C 178 32.68 6.93 15.63
N ILE C 179 32.44 8.07 15.00
CA ILE C 179 32.59 8.18 13.55
C ILE C 179 33.57 9.31 13.25
N PRO C 180 34.56 9.05 12.38
CA PRO C 180 35.53 10.09 12.03
C PRO C 180 34.81 11.33 11.55
N GLY C 181 35.19 12.50 12.07
CA GLY C 181 34.60 13.75 11.64
C GLY C 181 33.48 14.27 12.53
N ALA C 182 32.88 13.40 13.32
CA ALA C 182 31.85 13.86 14.26
C ALA C 182 32.49 14.62 15.42
N ASP C 183 31.83 15.67 15.89
CA ASP C 183 32.32 16.45 17.03
C ASP C 183 32.02 15.78 18.36
N LEU C 184 30.86 15.15 18.44
CA LEU C 184 30.37 14.58 19.67
C LEU C 184 29.98 13.11 19.48
N LEU C 185 30.03 12.37 20.59
CA LEU C 185 29.53 10.99 20.61
C LEU C 185 28.55 10.88 21.78
N VAL C 186 27.32 10.46 21.49
CA VAL C 186 26.35 10.18 22.54
C VAL C 186 26.11 8.68 22.58
N LYS C 187 25.73 8.14 23.73
CA LYS C 187 25.76 6.68 23.81
C LYS C 187 24.56 5.95 23.20
N ASP C 188 23.43 6.64 23.03
CA ASP C 188 22.24 6.04 22.45
C ASP C 188 21.23 7.13 22.10
N LEU C 189 20.13 6.75 21.47
CA LEU C 189 19.13 7.71 21.02
C LEU C 189 18.60 8.55 22.18
N LYS C 190 18.43 7.91 23.33
CA LYS C 190 17.94 8.58 24.53
C LYS C 190 18.82 9.77 24.89
N GLU C 191 20.12 9.54 24.89
CA GLU C 191 21.09 10.59 25.19
C GLU C 191 21.05 11.70 24.13
N LEU C 192 20.82 11.32 22.88
CA LEU C 192 20.71 12.29 21.78
C LEU C 192 19.51 13.19 22.04
N VAL C 193 18.37 12.59 22.34
CA VAL C 193 17.18 13.37 22.67
C VAL C 193 17.47 14.32 23.84
N ASP C 194 18.13 13.83 24.87
CA ASP C 194 18.44 14.66 26.03
C ASP C 194 19.33 15.85 25.65
N PHE C 195 20.27 15.59 24.76
CA PHE C 195 21.15 16.65 24.29
C PHE C 195 20.35 17.73 23.54
N ILE C 196 19.50 17.31 22.62
CA ILE C 196 18.72 18.25 21.85
C ILE C 196 17.76 19.01 22.75
N LYS C 197 17.22 18.33 23.76
CA LYS C 197 16.30 18.96 24.70
C LYS C 197 17.00 20.10 25.43
N ASN C 198 18.31 19.96 25.62
CA ASN C 198 19.13 20.99 26.26
C ASN C 198 19.46 22.20 25.41
N LEU C 199 19.09 22.18 24.13
CA LEU C 199 19.42 23.30 23.25
C LEU C 199 18.60 24.56 23.52
N LYS C 200 19.26 25.70 23.33
CA LYS C 200 18.66 27.04 23.32
C LYS C 200 18.64 27.69 24.70
N GLY D 1 25.69 -6.19 -9.92
CA GLY D 1 24.35 -5.82 -9.49
C GLY D 1 23.78 -4.66 -10.29
N ALA D 2 22.55 -4.80 -10.77
CA ALA D 2 21.90 -3.80 -11.61
C ALA D 2 21.68 -2.45 -10.90
N ASP D 4 20.17 1.84 -11.59
CA ASP D 4 19.69 3.05 -12.25
C ASP D 4 20.45 4.19 -11.58
N PRO D 5 21.44 4.76 -12.27
CA PRO D 5 22.27 5.81 -11.68
C PRO D 5 21.53 7.14 -11.76
N GLN D 6 20.40 7.21 -11.05
CA GLN D 6 19.50 8.36 -11.11
C GLN D 6 20.22 9.65 -10.76
N PHE D 7 21.15 9.59 -9.82
CA PHE D 7 21.79 10.83 -9.36
C PHE D 7 22.59 11.51 -10.46
N LYS D 9 21.64 11.81 -13.65
CA LYS D 9 20.80 12.14 -14.82
C LYS D 9 20.51 13.63 -14.94
N LYS D 10 20.43 14.11 -16.18
CA LYS D 10 19.93 15.47 -16.43
C LYS D 10 18.56 15.59 -15.78
N VAL D 11 18.22 16.78 -15.32
CA VAL D 11 17.03 16.94 -14.50
C VAL D 11 15.96 17.70 -15.29
N ALA D 12 14.74 17.20 -15.22
CA ALA D 12 13.60 17.90 -15.81
C ALA D 12 12.77 18.45 -14.67
N VAL D 13 12.71 19.77 -14.54
CA VAL D 13 11.91 20.38 -13.48
C VAL D 13 10.66 20.94 -14.09
N ILE D 14 9.52 20.54 -13.55
CA ILE D 14 8.24 21.01 -14.06
C ILE D 14 7.53 21.81 -13.00
N ASP D 15 7.24 23.07 -13.30
CA ASP D 15 6.40 23.88 -12.45
C ASP D 15 4.97 23.48 -12.77
N ILE D 16 4.30 22.90 -11.79
CA ILE D 16 3.05 22.18 -12.01
C ILE D 16 1.93 23.04 -12.58
N GLU D 17 1.72 24.21 -11.99
CA GLU D 17 0.57 25.02 -12.35
C GLU D 17 0.75 25.62 -13.73
N GLY D 18 -0.20 25.37 -14.62
CA GLY D 18 -0.13 25.91 -15.97
C GLY D 18 0.62 25.02 -16.94
N THR D 19 1.17 23.93 -16.43
CA THR D 19 1.74 22.90 -17.29
C THR D 19 0.97 21.58 -17.14
N LEU D 20 0.97 21.00 -15.94
CA LEU D 20 0.27 19.73 -15.71
C LEU D 20 -1.20 19.89 -15.36
N THR D 21 -1.57 21.04 -14.80
CA THR D 21 -2.96 21.25 -14.40
C THR D 21 -3.37 22.70 -14.57
N ASP D 22 -4.63 22.96 -14.88
CA ASP D 22 -5.08 24.35 -14.85
C ASP D 22 -5.77 24.73 -13.55
N PHE D 23 -5.66 23.87 -12.53
CA PHE D 23 -6.26 24.22 -11.24
C PHE D 23 -5.45 25.31 -10.56
N GLU D 24 -6.13 26.35 -10.09
CA GLU D 24 -5.45 27.48 -9.45
C GLU D 24 -6.04 27.74 -8.08
N PHE D 25 -5.29 27.38 -7.04
CA PHE D 25 -5.79 27.39 -5.66
C PHE D 25 -6.41 28.72 -5.27
N TRP D 26 -5.74 29.82 -5.62
CA TRP D 26 -6.19 31.13 -5.14
C TRP D 26 -7.46 31.62 -5.83
N ARG D 27 -7.62 31.26 -7.10
CA ARG D 27 -8.87 31.54 -7.80
C ARG D 27 -10.01 30.72 -7.20
N GLU D 28 -9.71 29.47 -6.82
CA GLU D 28 -10.69 28.62 -6.19
C GLU D 28 -11.06 29.18 -4.81
N ALA D 30 -10.89 32.39 -3.96
CA ALA D 30 -11.76 33.54 -4.24
C ALA D 30 -13.18 33.07 -4.53
N ARG D 31 -13.32 31.95 -5.22
CA ARG D 31 -14.66 31.44 -5.53
C ARG D 31 -15.42 31.01 -4.27
N ILE D 32 -14.79 30.20 -3.43
CA ILE D 32 -15.48 29.70 -2.24
C ILE D 32 -15.75 30.78 -1.20
N THR D 33 -14.81 31.69 -1.03
CA THR D 33 -14.96 32.70 0.01
C THR D 33 -15.80 33.88 -0.47
N GLY D 34 -15.85 34.05 -1.79
CA GLY D 34 -16.47 35.22 -2.40
C GLY D 34 -15.60 36.47 -2.30
N LYS D 35 -14.40 36.33 -1.76
CA LYS D 35 -13.51 37.48 -1.62
C LYS D 35 -12.75 37.78 -2.90
N ARG D 36 -13.28 38.69 -3.70
CA ARG D 36 -12.65 39.07 -4.95
C ARG D 36 -11.25 39.64 -4.75
N GLU D 37 -10.97 40.16 -3.57
CA GLU D 37 -9.66 40.74 -3.29
C GLU D 37 -8.57 39.68 -3.46
N ILE D 38 -8.91 38.42 -3.17
CA ILE D 38 -7.92 37.35 -3.30
C ILE D 38 -7.40 37.24 -4.72
N GLU D 39 -8.33 37.30 -5.66
CA GLU D 39 -8.00 37.17 -7.06
C GLU D 39 -7.32 38.42 -7.57
N GLU D 40 -7.76 39.58 -7.09
CA GLU D 40 -7.12 40.82 -7.49
C GLU D 40 -5.65 40.83 -7.07
N LEU D 41 -5.39 40.38 -5.85
CA LEU D 41 -4.02 40.31 -5.33
C LEU D 41 -3.20 39.34 -6.16
N LEU D 42 -3.82 38.23 -6.55
CA LEU D 42 -3.16 37.28 -7.42
C LEU D 42 -2.74 37.94 -8.73
N GLU D 43 -3.66 38.70 -9.34
CA GLU D 43 -3.34 39.40 -10.59
C GLU D 43 -2.24 40.43 -10.41
N LYS D 44 -2.27 41.15 -9.30
CA LYS D 44 -1.23 42.15 -9.03
C LYS D 44 0.13 41.48 -8.88
N GLY D 45 0.14 40.29 -8.30
CA GLY D 45 1.38 39.54 -8.16
C GLY D 45 1.92 39.02 -9.48
N LEU D 46 1.05 38.39 -10.27
CA LEU D 46 1.47 37.82 -11.55
C LEU D 46 2.02 38.90 -12.49
N SER D 47 1.41 40.08 -12.42
CA SER D 47 1.77 41.18 -13.31
C SER D 47 3.02 41.91 -12.84
N GLY D 48 3.41 41.68 -11.58
CA GLY D 48 4.53 42.39 -10.98
C GLY D 48 4.17 43.77 -10.45
N GLU D 49 2.88 44.05 -10.34
CA GLU D 49 2.43 45.34 -9.82
C GLU D 49 2.70 45.47 -8.33
N VAL D 50 2.83 44.33 -7.66
CA VAL D 50 3.16 44.26 -6.25
C VAL D 50 4.22 43.16 -6.13
N GLU D 51 5.11 43.26 -5.16
CA GLU D 51 6.13 42.22 -5.00
C GLU D 51 5.49 40.87 -4.71
N TRP D 52 6.05 39.80 -5.25
CA TRP D 52 5.40 38.49 -5.15
C TRP D 52 5.09 38.04 -3.72
N LEU D 53 6.11 38.06 -2.87
CA LEU D 53 5.92 37.68 -1.48
C LEU D 53 4.86 38.54 -0.81
N ASP D 54 4.80 39.81 -1.18
CA ASP D 54 3.81 40.70 -0.59
C ASP D 54 2.38 40.27 -0.96
N SER D 55 2.15 40.02 -2.23
CA SER D 55 0.82 39.59 -2.68
C SER D 55 0.45 38.25 -2.04
N LEU D 56 1.43 37.36 -1.95
CA LEU D 56 1.19 36.02 -1.41
C LEU D 56 0.74 36.07 0.05
N LEU D 57 1.50 36.76 0.90
CA LEU D 57 1.13 36.82 2.31
C LEU D 57 -0.20 37.54 2.53
N LYS D 58 -0.52 38.52 1.69
CA LYS D 58 -1.83 39.16 1.77
C LYS D 58 -2.96 38.17 1.45
N ARG D 59 -2.74 37.32 0.46
CA ARG D 59 -3.72 36.29 0.16
C ARG D 59 -3.87 35.31 1.32
N VAL D 60 -2.74 34.88 1.87
CA VAL D 60 -2.76 34.00 3.03
C VAL D 60 -3.58 34.64 4.15
N GLY D 61 -3.33 35.92 4.40
CA GLY D 61 -4.06 36.62 5.45
C GLY D 61 -5.55 36.62 5.23
N LEU D 62 -5.98 36.63 3.96
CA LEU D 62 -7.39 36.71 3.63
C LEU D 62 -8.15 35.40 3.84
N ILE D 63 -7.45 34.28 3.92
CA ILE D 63 -8.13 33.01 4.17
C ILE D 63 -7.76 32.46 5.55
N ARG D 64 -7.03 33.25 6.34
CA ARG D 64 -6.74 32.84 7.70
C ARG D 64 -8.05 32.54 8.43
N GLY D 65 -8.13 31.37 9.06
CA GLY D 65 -9.29 31.00 9.85
C GLY D 65 -10.24 30.05 9.13
N ILE D 66 -10.04 29.86 7.83
CA ILE D 66 -10.93 29.01 7.06
C ILE D 66 -10.82 27.58 7.55
N ASP D 67 -11.91 26.83 7.44
CA ASP D 67 -11.94 25.46 7.93
C ASP D 67 -10.90 24.60 7.23
N GLU D 68 -10.16 23.81 8.00
CA GLU D 68 -9.18 22.88 7.47
C GLU D 68 -9.79 21.94 6.43
N GLY D 69 -11.00 21.47 6.69
CA GLY D 69 -11.71 20.64 5.72
C GLY D 69 -12.00 21.35 4.43
N THR D 70 -12.52 22.58 4.50
CA THR D 70 -12.80 23.33 3.30
C THR D 70 -11.52 23.52 2.48
N PHE D 71 -10.43 23.82 3.17
CA PHE D 71 -9.13 23.98 2.55
C PHE D 71 -8.70 22.68 1.87
N LEU D 72 -8.73 21.58 2.60
CA LEU D 72 -8.21 20.31 2.09
C LEU D 72 -9.11 19.72 1.02
N ARG D 73 -10.38 20.08 1.06
CA ARG D 73 -11.36 19.62 0.09
C ARG D 73 -11.01 20.03 -1.35
N THR D 74 -10.21 21.09 -1.49
CA THR D 74 -9.88 21.56 -2.83
C THR D 74 -9.04 20.56 -3.60
N ARG D 75 -8.39 19.66 -2.87
CA ARG D 75 -7.64 18.56 -3.46
C ARG D 75 -8.53 17.74 -4.39
N GLU D 76 -9.82 17.68 -4.07
CA GLU D 76 -10.76 16.92 -4.89
C GLU D 76 -10.83 17.44 -6.33
N LYS D 77 -10.50 18.72 -6.52
CA LYS D 77 -10.57 19.31 -7.86
C LYS D 77 -9.27 19.13 -8.66
N VAL D 78 -8.29 18.48 -8.05
CA VAL D 78 -6.98 18.27 -8.65
C VAL D 78 -6.87 16.82 -9.10
N ASN D 79 -6.50 16.60 -10.36
CA ASN D 79 -6.28 15.26 -10.92
C ASN D 79 -5.02 15.19 -11.78
N VAL D 80 -4.37 14.02 -11.80
CA VAL D 80 -3.29 13.81 -12.75
C VAL D 80 -3.88 13.30 -14.06
N SER D 81 -3.81 14.13 -15.11
CA SER D 81 -4.42 13.76 -16.38
C SER D 81 -3.58 12.72 -17.13
N PRO D 82 -4.20 12.01 -18.08
CA PRO D 82 -3.36 11.10 -18.85
C PRO D 82 -2.20 11.83 -19.52
N GLU D 83 -2.44 13.04 -20.03
CA GLU D 83 -1.39 13.77 -20.74
C GLU D 83 -0.28 14.19 -19.79
N ALA D 84 -0.66 14.61 -18.59
CA ALA D 84 0.33 15.00 -17.58
C ALA D 84 1.18 13.80 -17.28
N ARG D 85 0.54 12.65 -17.10
CA ARG D 85 1.27 11.46 -16.79
C ARG D 85 2.19 11.11 -17.97
N GLU D 86 1.67 11.26 -19.19
CA GLU D 86 2.43 10.94 -20.38
C GLU D 86 3.69 11.79 -20.45
N LEU D 87 3.57 13.06 -20.09
CA LEU D 87 4.74 13.93 -20.12
C LEU D 87 5.84 13.38 -19.22
N VAL D 88 5.46 13.04 -17.99
CA VAL D 88 6.44 12.60 -16.98
C VAL D 88 7.05 11.26 -17.35
N GLU D 89 6.21 10.35 -17.85
CA GLU D 89 6.67 9.03 -18.22
C GLU D 89 7.65 9.12 -19.40
N THR D 90 7.33 9.97 -20.36
CA THR D 90 8.18 10.16 -21.54
C THR D 90 9.52 10.80 -21.17
N LEU D 91 9.50 11.79 -20.28
CA LEU D 91 10.75 12.37 -19.78
C LEU D 91 11.66 11.29 -19.17
N ARG D 92 11.09 10.34 -18.44
CA ARG D 92 11.90 9.25 -17.88
C ARG D 92 12.49 8.38 -18.97
N GLU D 93 11.68 8.08 -19.98
CA GLU D 93 12.11 7.31 -21.12
C GLU D 93 13.29 7.99 -21.78
N LYS D 94 13.21 9.30 -21.88
CA LYS D 94 14.26 10.08 -22.53
C LYS D 94 15.45 10.37 -21.61
N GLY D 95 15.47 9.75 -20.44
CA GLY D 95 16.65 9.78 -19.60
C GLY D 95 16.77 10.90 -18.58
N PHE D 96 15.64 11.54 -18.27
CA PHE D 96 15.60 12.60 -17.27
C PHE D 96 15.14 12.05 -15.92
N LYS D 97 15.68 12.63 -14.85
CA LYS D 97 15.12 12.52 -13.52
C LYS D 97 14.09 13.64 -13.42
N VAL D 98 12.90 13.36 -12.89
CA VAL D 98 11.82 14.33 -12.97
C VAL D 98 11.52 14.94 -11.62
N VAL D 99 11.48 16.27 -11.57
CA VAL D 99 11.24 16.98 -10.34
C VAL D 99 10.07 17.92 -10.54
N LEU D 100 9.03 17.75 -9.74
CA LEU D 100 7.85 18.61 -9.84
C LEU D 100 7.89 19.64 -8.72
N ILE D 101 7.65 20.90 -9.06
CA ILE D 101 7.67 21.97 -8.05
C ILE D 101 6.43 22.86 -8.19
N SER D 102 6.09 23.54 -7.10
CA SER D 102 5.02 24.52 -7.08
C SER D 102 5.17 25.40 -5.83
N GLY D 103 4.79 26.67 -5.95
CA GLY D 103 4.67 27.55 -4.79
C GLY D 103 3.34 27.38 -4.06
N SER D 104 2.47 26.53 -4.58
CA SER D 104 1.20 26.17 -3.92
C SER D 104 1.38 25.09 -2.86
N PHE D 105 0.27 24.64 -2.27
CA PHE D 105 0.31 23.74 -1.14
C PHE D 105 0.41 22.25 -1.48
N GLU D 106 1.39 21.59 -0.88
CA GLU D 106 1.55 20.15 -1.05
C GLU D 106 0.27 19.39 -0.70
N GLU D 107 -0.47 19.91 0.27
CA GLU D 107 -1.71 19.29 0.72
C GLU D 107 -2.75 19.24 -0.38
N VAL D 108 -2.73 20.25 -1.25
CA VAL D 108 -3.72 20.37 -2.31
C VAL D 108 -3.26 19.67 -3.58
N LEU D 109 -1.96 19.78 -3.87
CA LEU D 109 -1.37 19.18 -5.06
C LEU D 109 -0.90 17.75 -4.79
N GLU D 110 -1.38 17.19 -3.69
CA GLU D 110 -0.98 15.85 -3.27
C GLU D 110 -1.10 14.77 -4.36
N PRO D 111 -2.09 14.89 -5.24
CA PRO D 111 -2.18 13.84 -6.27
C PRO D 111 -0.92 13.73 -7.15
N PHE D 112 -0.11 14.78 -7.22
CA PHE D 112 1.12 14.76 -8.01
C PHE D 112 2.34 14.27 -7.22
N LYS D 113 2.15 14.04 -5.92
CA LYS D 113 3.24 13.84 -4.97
C LYS D 113 4.20 12.71 -5.39
N GLU D 114 3.67 11.64 -5.98
CA GLU D 114 4.50 10.50 -6.35
C GLU D 114 4.63 10.33 -7.86
N LEU D 115 4.29 11.38 -8.61
CA LEU D 115 4.32 11.29 -10.07
C LEU D 115 5.74 11.36 -10.61
N GLY D 116 6.49 12.35 -10.14
CA GLY D 116 7.89 12.51 -10.54
C GLY D 116 8.80 11.75 -9.60
N ASP D 117 10.10 11.96 -9.74
CA ASP D 117 11.09 11.35 -8.86
C ASP D 117 11.31 12.17 -7.59
N GLU D 118 11.08 13.47 -7.70
CA GLU D 118 11.05 14.34 -6.53
C GLU D 118 9.89 15.32 -6.65
N PHE D 119 9.38 15.75 -5.49
CA PHE D 119 8.24 16.66 -5.45
C PHE D 119 8.51 17.68 -4.36
N ALA D 121 6.65 21.41 -2.76
CA ALA D 121 5.77 22.58 -2.75
C ALA D 121 5.77 23.18 -1.34
N ASN D 122 5.08 24.31 -1.19
CA ASN D 122 4.93 24.89 0.13
C ASN D 122 3.92 24.07 0.94
N ARG D 123 3.78 24.36 2.22
CA ARG D 123 2.83 23.63 3.06
C ARG D 123 1.95 24.57 3.89
N ALA D 124 0.92 24.01 4.50
CA ALA D 124 -0.10 24.79 5.21
C ALA D 124 0.04 24.59 6.71
N ILE D 125 -0.25 25.64 7.48
CA ILE D 125 -0.25 25.52 8.93
C ILE D 125 -1.69 25.47 9.39
N PHE D 126 -2.05 24.41 10.10
CA PHE D 126 -3.39 24.28 10.68
C PHE D 126 -3.31 24.25 12.20
N GLU D 127 -4.27 24.91 12.86
CA GLU D 127 -4.39 24.88 14.31
C GLU D 127 -5.85 24.83 14.71
N ASP D 128 -6.21 23.91 15.60
CA ASP D 128 -7.58 23.77 16.04
C ASP D 128 -8.54 23.71 14.86
N GLY D 129 -8.14 22.99 13.82
CA GLY D 129 -9.00 22.76 12.67
C GLY D 129 -9.21 23.95 11.75
N LYS D 130 -8.29 24.92 11.82
CA LYS D 130 -8.39 26.13 11.00
C LYS D 130 -7.04 26.42 10.33
N PHE D 131 -7.11 26.96 9.12
CA PHE D 131 -5.90 27.42 8.42
C PHE D 131 -5.33 28.66 9.10
N GLN D 132 -4.05 28.61 9.41
CA GLN D 132 -3.39 29.71 10.08
C GLN D 132 -2.37 30.40 9.21
N GLY D 133 -1.80 29.69 8.25
CA GLY D 133 -0.75 30.30 7.45
C GLY D 133 0.07 29.33 6.63
N ILE D 134 1.13 29.86 6.03
CA ILE D 134 1.92 29.11 5.07
C ILE D 134 3.35 28.80 5.57
N ARG D 135 3.82 27.60 5.27
CA ARG D 135 5.22 27.25 5.46
C ARG D 135 5.93 27.47 4.13
N LEU D 136 6.82 28.47 4.08
CA LEU D 136 7.58 28.77 2.88
C LEU D 136 8.81 27.88 2.87
N ARG D 137 8.83 26.94 1.95
CA ARG D 137 9.84 25.87 1.97
C ARG D 137 11.00 26.07 1.02
N PHE D 138 10.85 27.05 0.13
CA PHE D 138 11.97 27.50 -0.71
C PHE D 138 11.76 28.98 -0.96
N ARG D 139 12.82 29.68 -1.33
CA ARG D 139 12.73 31.14 -1.44
C ARG D 139 11.91 31.51 -2.67
N ASP D 140 12.26 30.89 -3.79
CA ASP D 140 11.58 31.04 -5.05
C ASP D 140 12.06 29.89 -5.93
N LYS D 141 11.48 29.74 -7.11
CA LYS D 141 11.77 28.56 -7.92
C LYS D 141 13.20 28.58 -8.47
N GLY D 142 13.72 29.77 -8.73
CA GLY D 142 15.12 29.89 -9.10
C GLY D 142 16.05 29.35 -8.04
N GLU D 143 15.86 29.78 -6.80
CA GLU D 143 16.70 29.31 -5.69
C GLU D 143 16.59 27.80 -5.56
N PHE D 144 15.36 27.30 -5.65
CA PHE D 144 15.15 25.87 -5.51
C PHE D 144 15.99 25.09 -6.52
N LEU D 145 16.12 25.61 -7.74
CA LEU D 145 16.87 24.90 -8.79
C LEU D 145 18.34 24.70 -8.43
N LYS D 146 18.84 25.48 -7.47
CA LYS D 146 20.21 25.34 -7.01
C LYS D 146 20.50 23.94 -6.45
N ARG D 147 19.44 23.25 -6.02
CA ARG D 147 19.55 21.86 -5.57
C ARG D 147 20.17 20.95 -6.62
N PHE D 148 20.09 21.37 -7.88
CA PHE D 148 20.49 20.53 -8.98
C PHE D 148 21.63 21.21 -9.75
N ARG D 149 22.39 22.05 -9.06
CA ARG D 149 23.40 22.86 -9.74
C ARG D 149 24.56 22.04 -10.30
N ASP D 150 24.71 20.81 -9.84
CA ASP D 150 25.84 19.99 -10.26
C ASP D 150 25.61 19.30 -11.60
N GLY D 151 24.40 19.42 -12.14
CA GLY D 151 24.09 18.82 -13.43
C GLY D 151 23.33 19.74 -14.37
N PHE D 152 22.80 19.16 -15.44
CA PHE D 152 22.07 19.95 -16.42
C PHE D 152 20.59 19.99 -16.08
N ILE D 153 19.92 21.05 -16.52
CA ILE D 153 18.51 21.19 -16.19
C ILE D 153 17.68 21.63 -17.39
N LEU D 154 16.62 20.88 -17.66
CA LEU D 154 15.56 21.30 -18.56
C LEU D 154 14.40 21.78 -17.69
N ALA D 155 13.95 23.01 -17.88
CA ALA D 155 12.85 23.52 -17.05
C ALA D 155 11.62 23.76 -17.92
N GLY D 157 7.61 25.40 -17.56
CA GLY D 157 6.73 26.12 -16.69
C GLY D 157 5.81 27.05 -17.43
N ASP D 158 4.92 27.68 -16.68
CA ASP D 158 3.89 28.55 -17.23
C ASP D 158 3.68 29.71 -16.26
N GLY D 159 2.48 30.27 -16.29
CA GLY D 159 2.16 31.51 -15.62
C GLY D 159 2.48 31.74 -14.15
N TYR D 160 3.02 30.74 -13.47
CA TYR D 160 3.46 30.90 -12.07
C TYR D 160 4.98 30.84 -11.99
N ALA D 161 5.63 30.76 -13.14
CA ALA D 161 7.09 30.79 -13.20
C ALA D 161 7.54 32.17 -13.70
N ASP D 162 8.83 32.47 -13.56
CA ASP D 162 9.36 33.73 -14.07
C ASP D 162 10.80 33.57 -14.54
N ALA D 163 11.44 34.68 -14.87
CA ALA D 163 12.78 34.60 -15.44
C ALA D 163 13.77 33.98 -14.47
N LYS D 164 13.49 34.12 -13.17
CA LYS D 164 14.40 33.60 -12.15
C LYS D 164 14.59 32.09 -12.29
N PHE D 166 13.93 30.30 -15.05
CA PHE D 166 14.48 29.92 -16.35
C PHE D 166 15.98 30.20 -16.48
N GLU D 167 16.45 31.21 -15.76
CA GLU D 167 17.87 31.59 -15.80
C GLU D 167 18.75 30.46 -15.32
N ARG D 168 18.21 29.62 -14.45
CA ARG D 168 18.98 28.53 -13.86
C ARG D 168 19.06 27.35 -14.81
N ALA D 169 18.11 27.28 -15.74
CA ALA D 169 17.97 26.12 -16.61
C ALA D 169 18.88 26.21 -17.83
N ASP D 170 19.32 25.05 -18.28
CA ASP D 170 20.13 24.95 -19.48
C ASP D 170 19.26 25.00 -20.72
N GLY D 172 14.94 25.88 -21.47
CA GLY D 172 13.71 26.27 -20.82
C GLY D 172 12.58 26.35 -21.80
N ILE D 173 11.44 25.78 -21.42
CA ILE D 173 10.28 25.77 -22.28
C ILE D 173 9.08 26.36 -21.54
N ALA D 174 8.49 27.41 -22.10
CA ALA D 174 7.28 27.99 -21.52
C ALA D 174 6.05 27.37 -22.15
N VAL D 175 4.96 27.27 -21.39
CA VAL D 175 3.72 26.70 -21.93
C VAL D 175 2.58 27.72 -21.94
N GLY D 176 2.05 28.04 -23.10
CA GLY D 176 0.91 28.93 -23.18
C GLY D 176 0.98 30.45 -23.11
N ARG D 177 2.10 30.96 -22.65
CA ARG D 177 2.29 32.42 -22.62
C ARG D 177 3.80 32.50 -22.40
N GLU D 178 4.42 33.46 -23.09
CA GLU D 178 5.86 33.58 -23.05
C GLU D 178 6.32 33.94 -21.65
N ILE D 179 7.49 33.43 -21.29
CA ILE D 179 8.09 33.72 -20.01
C ILE D 179 9.54 34.12 -20.29
N PRO D 180 9.93 35.32 -19.87
CA PRO D 180 11.31 35.76 -20.12
C PRO D 180 12.31 34.74 -19.56
N GLY D 181 13.33 34.41 -20.35
CA GLY D 181 14.30 33.41 -19.94
C GLY D 181 14.13 32.10 -20.69
N ALA D 182 12.89 31.80 -21.10
CA ALA D 182 12.62 30.55 -21.81
C ALA D 182 13.19 30.57 -23.22
N ASP D 183 13.72 29.43 -23.66
CA ASP D 183 14.20 29.29 -25.03
C ASP D 183 13.05 29.06 -26.00
N LEU D 184 12.06 28.27 -25.58
CA LEU D 184 10.96 27.87 -26.43
C LEU D 184 9.61 28.19 -25.80
N LEU D 185 8.61 28.44 -26.63
CA LEU D 185 7.23 28.52 -26.16
C LEU D 185 6.41 27.48 -26.91
N VAL D 186 5.72 26.61 -26.18
CA VAL D 186 4.82 25.64 -26.81
C VAL D 186 3.38 26.06 -26.54
N LYS D 187 2.45 25.63 -27.38
CA LYS D 187 1.08 26.12 -27.30
C LYS D 187 0.33 25.59 -26.08
N ASP D 188 0.62 24.35 -25.70
CA ASP D 188 -0.12 23.68 -24.64
C ASP D 188 0.61 22.41 -24.23
N LEU D 189 0.07 21.71 -23.24
CA LEU D 189 0.71 20.50 -22.74
C LEU D 189 0.92 19.47 -23.85
N LYS D 190 -0.09 19.29 -24.70
CA LYS D 190 0.02 18.33 -25.80
C LYS D 190 1.28 18.58 -26.62
N GLU D 191 1.55 19.84 -26.91
CA GLU D 191 2.68 20.18 -27.76
C GLU D 191 3.99 19.96 -27.02
N LEU D 192 3.99 20.24 -25.71
CA LEU D 192 5.14 19.92 -24.88
C LEU D 192 5.38 18.41 -24.88
N VAL D 193 4.31 17.63 -24.73
CA VAL D 193 4.45 16.18 -24.81
C VAL D 193 5.07 15.77 -26.13
N ASP D 194 4.59 16.35 -27.23
CA ASP D 194 5.08 16.00 -28.56
C ASP D 194 6.57 16.33 -28.72
N PHE D 195 6.98 17.47 -28.18
CA PHE D 195 8.37 17.90 -28.21
C PHE D 195 9.25 16.88 -27.48
N ILE D 196 8.80 16.46 -26.30
CA ILE D 196 9.61 15.54 -25.53
C ILE D 196 9.65 14.17 -26.21
N LYS D 197 8.54 13.76 -26.81
CA LYS D 197 8.49 12.46 -27.51
C LYS D 197 9.53 12.43 -28.65
N ASN D 198 9.82 13.59 -29.21
CA ASN D 198 10.84 13.70 -30.26
C ASN D 198 12.30 13.57 -29.79
N LEU D 199 12.55 13.73 -28.51
CA LEU D 199 13.91 13.65 -27.99
C LEU D 199 14.64 12.32 -28.24
N LYS D 200 15.94 12.42 -28.51
CA LYS D 200 16.90 11.31 -28.59
C LYS D 200 17.46 11.04 -29.99
#